data_8IV4
#
_entry.id   8IV4
#
_cell.length_a   1.00
_cell.length_b   1.00
_cell.length_c   1.00
_cell.angle_alpha   90.00
_cell.angle_beta   90.00
_cell.angle_gamma   90.00
#
_symmetry.space_group_name_H-M   'P 1'
#
loop_
_entity.id
_entity.type
_entity.pdbx_description
1 polymer 'light chain of 3E2'
2 polymer 'heavy chain of 3E2'
3 polymer 'light chain of 8H12'
4 polymer 'heavy chain of 8H12'
5 polymer 'Spike protein S1'
6 branched 2-acetamido-2-deoxy-beta-D-glucopyranose-(1-4)-2-acetamido-2-deoxy-beta-D-glucopyranose
#
loop_
_entity_poly.entity_id
_entity_poly.type
_entity_poly.pdbx_seq_one_letter_code
_entity_poly.pdbx_strand_id
1 'polypeptide(L)'
;QIVLTQSPAIMSASLGEEITLTCSVSSSVSDMHWYQQKSGTSPKVFIYSTSNLASGVPSRFSGSGSGTFYSLTISSVEAE
DAAYYYCHQWSSWTFGGGTKLEIK
;
L
2 'polypeptide(L)'
;EVMLVESGGGVVKPGGSLKLSCAASGFSFSTYAMSWIRQTPEKSLEWVAAISSGGTNTYYPGSVKGRFTISRDKAMNTLY
LQLSSLRSEDTAMYYCVRHSGNYVDSVMDYWGQGTSVTVSS
;
H
3 'polypeptide(L)'
;DIVMTQFQKFMSTSVGDRVSITCKASQNVRTAVAWYQQKPGQSPKAMIYLASNRHRGVPDRFTGSGCGTDFTLTISNVQC
EDLADYFCLQHRNYPLTFGGGTKLEIK
;
B
4 'polypeptide(L)'
;EVKLEESGGGLVQPGGSMKLSCAASGFTFSDAWMDWVRQSPEKGLEWVAQIRRKANNHATYYAESVKGRFTISRDDSKSS
VYLQMNSLRAEDTGIYYCIRGMTYAMDFWGQGTSVTVSS
;
A
5 'polypeptide(L)'
;ESIVRFPNITNLCPFGEVFNATRFASVYAWNRKRISNCVADYSVLYNSASFSTFKCYGVSPTKLNDLCFTNVYADSFVIR
GDEVRQIAPGQTGKIADYNYKLPDDFTGCVIAWNSNNLDSKVGGNYNYLYRLFRKSNLKPFERDISTEIYQAGSTPCNGV
EGFNCYFPLQSYGFQPTNGVGYQPYRVVVLSFELLHAPATVCGP
;
G
#
# COMPACT_ATOMS: atom_id res chain seq x y z
N GLN A 1 -6.35 -6.70 -3.85
CA GLN A 1 -5.93 -7.77 -2.94
C GLN A 1 -4.52 -7.52 -2.41
N ILE A 2 -4.41 -7.35 -1.10
CA ILE A 2 -3.13 -7.13 -0.45
C ILE A 2 -2.39 -8.44 -0.32
N VAL A 3 -1.16 -8.48 -0.80
CA VAL A 3 -0.22 -9.55 -0.47
C VAL A 3 0.83 -8.96 0.46
N LEU A 4 1.26 -9.76 1.44
CA LEU A 4 2.24 -9.33 2.43
C LEU A 4 3.45 -10.25 2.32
N THR A 5 4.55 -9.72 1.80
CA THR A 5 5.74 -10.51 1.54
C THR A 5 6.85 -10.14 2.51
N GLN A 6 7.52 -11.16 3.03
CA GLN A 6 8.64 -10.99 3.94
C GLN A 6 9.89 -11.59 3.31
N SER A 7 11.01 -10.89 3.44
CA SER A 7 12.23 -11.28 2.76
C SER A 7 13.40 -11.38 3.72
N PRO A 8 14.15 -12.49 3.71
CA PRO A 8 13.83 -13.74 3.00
C PRO A 8 12.95 -14.64 3.84
N ALA A 9 12.92 -15.93 3.51
CA ALA A 9 12.07 -16.86 4.23
C ALA A 9 12.65 -17.21 5.60
N ILE A 10 13.96 -17.41 5.66
CA ILE A 10 14.65 -17.77 6.89
C ILE A 10 15.88 -16.89 7.04
N MET A 11 15.98 -16.22 8.19
CA MET A 11 17.19 -15.48 8.54
C MET A 11 17.94 -16.23 9.63
N SER A 12 19.15 -15.77 9.91
CA SER A 12 19.97 -16.35 10.97
C SER A 12 20.97 -15.30 11.44
N ALA A 13 21.05 -15.10 12.75
CA ALA A 13 21.93 -14.12 13.34
C ALA A 13 22.78 -14.77 14.41
N SER A 14 23.84 -14.06 14.82
CA SER A 14 24.72 -14.53 15.88
C SER A 14 24.26 -13.96 17.21
N LEU A 15 24.85 -14.43 18.30
CA LEU A 15 24.47 -13.98 19.63
C LEU A 15 24.98 -12.57 19.89
N GLY A 16 24.07 -11.60 19.88
CA GLY A 16 24.41 -10.22 20.16
C GLY A 16 24.41 -9.29 18.98
N GLU A 17 24.25 -9.79 17.76
CA GLU A 17 24.23 -8.93 16.60
C GLU A 17 22.81 -8.44 16.34
N GLU A 18 22.69 -7.29 15.68
CA GLU A 18 21.39 -6.72 15.36
C GLU A 18 20.88 -7.31 14.05
N ILE A 19 19.56 -7.39 13.93
CA ILE A 19 18.93 -7.94 12.73
C ILE A 19 17.67 -7.13 12.46
N THR A 20 17.29 -7.05 11.18
CA THR A 20 16.14 -6.27 10.74
C THR A 20 15.24 -7.14 9.88
N LEU A 21 14.01 -7.33 10.31
CA LEU A 21 13.03 -8.15 9.60
C LEU A 21 12.15 -7.24 8.77
N THR A 22 11.94 -7.58 7.50
CA THR A 22 11.24 -6.72 6.56
C THR A 22 9.89 -7.32 6.17
N CYS A 23 8.91 -6.45 5.94
CA CYS A 23 7.56 -6.85 5.54
C CYS A 23 7.04 -5.85 4.52
N SER A 24 7.24 -6.13 3.24
CA SER A 24 6.82 -5.22 2.17
C SER A 24 5.40 -5.54 1.75
N VAL A 25 4.60 -4.50 1.56
CA VAL A 25 3.18 -4.63 1.24
C VAL A 25 3.00 -4.26 -0.22
N SER A 26 1.94 -4.78 -0.84
CA SER A 26 1.69 -4.53 -2.27
C SER A 26 1.28 -3.07 -2.50
N SER A 27 0.16 -2.64 -1.93
CA SER A 27 -0.24 -1.24 -1.97
C SER A 27 -0.23 -0.67 -0.56
N SER A 28 -0.59 0.60 -0.43
CA SER A 28 -0.37 1.33 0.80
C SER A 28 -1.34 0.91 1.89
N VAL A 29 -0.81 0.63 3.08
CA VAL A 29 -1.58 0.37 4.28
C VAL A 29 -1.17 1.38 5.33
N SER A 30 -1.98 1.47 6.40
CA SER A 30 -1.73 2.49 7.41
C SER A 30 -0.58 2.08 8.33
N ASP A 31 -0.74 0.97 9.04
CA ASP A 31 0.24 0.46 9.99
C ASP A 31 0.36 -1.05 9.83
N MET A 32 1.05 -1.69 10.77
CA MET A 32 1.35 -3.10 10.67
C MET A 32 1.66 -3.63 12.06
N HIS A 33 1.07 -4.77 12.42
CA HIS A 33 1.37 -5.43 13.67
C HIS A 33 2.30 -6.61 13.43
N TRP A 34 3.04 -7.01 14.47
CA TRP A 34 3.99 -8.09 14.35
C TRP A 34 3.72 -9.13 15.42
N TYR A 35 3.69 -10.40 15.03
CA TYR A 35 3.40 -11.48 15.95
C TYR A 35 4.61 -12.40 16.03
N GLN A 36 4.69 -13.16 17.11
CA GLN A 36 5.77 -14.12 17.31
C GLN A 36 5.19 -15.45 17.72
N GLN A 37 5.50 -16.50 16.97
CA GLN A 37 5.05 -17.85 17.28
C GLN A 37 6.26 -18.71 17.59
N LYS A 38 6.30 -19.27 18.79
CA LYS A 38 7.36 -20.18 19.18
C LYS A 38 7.11 -21.58 18.60
N SER A 39 7.86 -22.56 19.08
CA SER A 39 7.66 -23.93 18.62
C SER A 39 6.65 -24.62 19.54
N GLY A 40 5.44 -24.78 19.06
CA GLY A 40 4.43 -25.53 19.78
C GLY A 40 3.55 -24.74 20.71
N THR A 41 3.60 -23.41 20.64
CA THR A 41 2.67 -22.57 21.39
C THR A 41 1.88 -21.74 20.38
N SER A 42 0.89 -21.03 20.87
CA SER A 42 0.16 -20.11 20.02
C SER A 42 1.01 -18.88 19.76
N PRO A 43 0.74 -18.14 18.69
CA PRO A 43 1.38 -16.84 18.51
C PRO A 43 0.91 -15.83 19.55
N LYS A 44 1.81 -14.91 19.88
CA LYS A 44 1.51 -13.79 20.76
C LYS A 44 1.70 -12.52 19.97
N VAL A 45 1.56 -11.38 20.63
CA VAL A 45 1.74 -10.08 19.99
C VAL A 45 2.93 -9.37 20.63
N PHE A 46 3.77 -8.77 19.79
CA PHE A 46 4.86 -7.92 20.26
C PHE A 46 4.66 -6.46 19.91
N ILE A 47 4.50 -6.14 18.64
CA ILE A 47 4.47 -4.75 18.19
C ILE A 47 3.11 -4.50 17.56
N TYR A 48 2.44 -3.44 18.01
CA TYR A 48 1.23 -2.95 17.36
C TYR A 48 1.44 -1.50 16.95
N SER A 49 0.85 -1.13 15.81
CA SER A 49 0.90 0.21 15.22
C SER A 49 2.33 0.66 14.91
N THR A 50 3.21 -0.31 14.61
CA THR A 50 4.57 -0.19 14.05
C THR A 50 5.60 0.41 14.99
N SER A 51 5.21 0.92 16.14
CA SER A 51 6.19 1.53 17.01
C SER A 51 5.98 1.24 18.49
N ASN A 52 4.90 0.59 18.87
CA ASN A 52 4.60 0.35 20.27
C ASN A 52 5.01 -1.06 20.63
N LEU A 53 5.24 -1.29 21.91
CA LEU A 53 5.54 -2.61 22.43
C LEU A 53 4.41 -3.08 23.32
N ALA A 54 4.18 -4.39 23.36
CA ALA A 54 3.14 -4.96 24.20
C ALA A 54 3.62 -5.02 25.64
N SER A 55 2.81 -5.60 26.52
CA SER A 55 3.22 -5.71 27.91
C SER A 55 4.02 -6.98 28.13
N GLY A 56 5.22 -6.83 28.68
CA GLY A 56 6.06 -7.96 29.02
C GLY A 56 7.09 -8.35 27.99
N VAL A 57 7.14 -7.69 26.84
CA VAL A 57 8.12 -7.98 25.81
C VAL A 57 9.43 -7.31 26.21
N PRO A 58 10.58 -7.98 26.06
CA PRO A 58 11.86 -7.34 26.38
C PRO A 58 12.15 -6.18 25.45
N SER A 59 12.80 -5.16 25.99
CA SER A 59 12.96 -3.87 25.30
C SER A 59 14.22 -3.82 24.44
N ARG A 60 14.38 -4.82 23.57
CA ARG A 60 15.34 -4.76 22.48
C ARG A 60 14.63 -4.69 21.14
N PHE A 61 13.34 -4.99 21.10
CA PHE A 61 12.56 -5.01 19.88
C PHE A 61 12.06 -3.61 19.60
N SER A 62 12.29 -3.15 18.37
CA SER A 62 11.81 -1.84 17.94
C SER A 62 11.26 -1.98 16.54
N GLY A 63 10.34 -1.09 16.19
CA GLY A 63 9.72 -1.14 14.89
C GLY A 63 9.81 0.20 14.20
N SER A 64 9.67 0.16 12.88
CA SER A 64 9.62 1.36 12.07
C SER A 64 8.91 1.04 10.75
N GLY A 65 8.49 2.07 10.06
CA GLY A 65 7.93 1.90 8.74
C GLY A 65 6.62 2.64 8.58
N SER A 66 6.35 3.06 7.35
CA SER A 66 5.05 3.62 6.99
C SER A 66 4.88 3.43 5.48
N GLY A 67 3.63 3.27 5.07
CA GLY A 67 3.35 3.05 3.67
C GLY A 67 3.44 1.58 3.27
N THR A 68 4.46 1.23 2.48
CA THR A 68 4.56 -0.13 1.95
C THR A 68 5.82 -0.86 2.37
N PHE A 69 6.52 -0.40 3.41
CA PHE A 69 7.68 -1.12 3.92
C PHE A 69 7.74 -0.98 5.43
N TYR A 70 7.81 -2.11 6.13
CA TYR A 70 7.79 -2.11 7.59
C TYR A 70 8.93 -2.97 8.12
N SER A 71 9.53 -2.53 9.21
CA SER A 71 10.73 -3.15 9.74
C SER A 71 10.58 -3.48 11.22
N LEU A 72 11.05 -4.66 11.60
CA LEU A 72 11.22 -5.05 12.99
C LEU A 72 12.71 -5.21 13.27
N THR A 73 13.20 -4.49 14.27
CA THR A 73 14.63 -4.45 14.57
C THR A 73 14.86 -4.98 15.98
N ILE A 74 15.78 -5.94 16.10
CA ILE A 74 16.23 -6.44 17.39
C ILE A 74 17.63 -5.88 17.64
N SER A 75 17.85 -5.37 18.85
CA SER A 75 19.13 -4.74 19.14
C SER A 75 20.24 -5.77 19.34
N SER A 76 20.10 -6.62 20.34
CA SER A 76 21.09 -7.66 20.63
C SER A 76 20.35 -8.99 20.74
N VAL A 77 20.44 -9.80 19.68
CA VAL A 77 19.75 -11.08 19.63
C VAL A 77 20.45 -12.06 20.57
N GLU A 78 19.72 -12.55 21.56
CA GLU A 78 20.20 -13.64 22.39
C GLU A 78 19.37 -14.88 22.11
N ALA A 79 19.56 -15.92 22.92
CA ALA A 79 19.19 -17.28 22.53
C ALA A 79 17.68 -17.49 22.55
N GLU A 80 16.94 -16.70 23.33
CA GLU A 80 15.50 -16.91 23.44
C GLU A 80 14.74 -16.45 22.21
N ASP A 81 15.22 -15.43 21.50
CA ASP A 81 14.47 -14.83 20.38
C ASP A 81 14.66 -15.63 19.09
N ALA A 82 14.24 -16.90 19.14
CA ALA A 82 14.38 -17.80 18.00
C ALA A 82 13.00 -18.38 17.68
N ALA A 83 12.24 -17.66 16.87
CA ALA A 83 10.85 -18.00 16.60
C ALA A 83 10.42 -17.34 15.30
N TYR A 84 9.25 -17.71 14.80
CA TYR A 84 8.73 -17.14 13.58
C TYR A 84 8.16 -15.75 13.84
N TYR A 85 8.08 -14.93 12.79
CA TYR A 85 7.57 -13.57 12.92
C TYR A 85 6.64 -13.27 11.75
N TYR A 86 5.35 -13.17 12.03
CA TYR A 86 4.33 -12.86 11.05
C TYR A 86 3.88 -11.41 11.17
N CYS A 87 3.78 -10.73 10.03
CA CYS A 87 3.25 -9.38 9.99
C CYS A 87 1.84 -9.43 9.42
N HIS A 88 0.88 -8.89 10.16
CA HIS A 88 -0.50 -8.84 9.70
C HIS A 88 -1.04 -7.44 9.84
N GLN A 89 -1.87 -7.05 8.88
CA GLN A 89 -2.60 -5.80 8.89
C GLN A 89 -4.07 -6.14 8.66
N TRP A 90 -4.93 -5.24 9.17
CA TRP A 90 -6.39 -5.33 9.10
C TRP A 90 -6.95 -5.56 7.70
N SER A 91 -6.21 -5.23 6.65
CA SER A 91 -6.78 -5.23 5.30
C SER A 91 -6.19 -6.30 4.40
N SER A 92 -6.07 -7.53 4.88
CA SER A 92 -5.34 -8.47 4.05
C SER A 92 -6.02 -9.81 3.83
N TRP A 93 -6.77 -10.32 4.82
CA TRP A 93 -7.40 -11.65 4.92
C TRP A 93 -6.40 -12.80 5.04
N THR A 94 -5.10 -12.53 4.91
CA THR A 94 -4.05 -13.51 5.13
C THR A 94 -2.95 -12.80 5.91
N PHE A 95 -2.15 -13.58 6.62
CA PHE A 95 -1.06 -13.03 7.39
C PHE A 95 0.15 -12.83 6.48
N GLY A 96 1.30 -12.54 7.07
CA GLY A 96 2.54 -12.50 6.32
C GLY A 96 3.06 -13.89 6.07
N GLY A 97 4.22 -13.94 5.41
CA GLY A 97 4.85 -15.22 5.15
C GLY A 97 5.44 -15.85 6.40
N GLY A 98 6.17 -15.07 7.18
CA GLY A 98 6.79 -15.59 8.37
C GLY A 98 8.26 -15.85 8.18
N THR A 99 9.10 -15.07 8.84
CA THR A 99 10.54 -15.19 8.74
C THR A 99 11.10 -15.83 10.00
N LYS A 100 11.63 -17.04 9.86
CA LYS A 100 12.24 -17.75 10.97
C LYS A 100 13.54 -17.07 11.36
N LEU A 101 13.92 -17.23 12.63
CA LEU A 101 15.18 -16.70 13.12
C LEU A 101 15.86 -17.78 13.95
N GLU A 102 17.11 -18.11 13.59
CA GLU A 102 17.82 -19.16 14.29
C GLU A 102 19.22 -18.67 14.65
N ILE A 103 19.66 -19.05 15.84
CA ILE A 103 20.95 -18.62 16.35
C ILE A 103 22.07 -19.29 15.57
N LYS A 104 23.05 -18.51 15.14
CA LYS A 104 24.17 -19.05 14.38
C LYS A 104 25.16 -19.75 15.30
N GLU B 1 -6.10 -12.29 35.10
CA GLU B 1 -5.59 -13.08 33.98
C GLU B 1 -6.71 -13.42 33.00
N VAL B 2 -6.39 -13.35 31.71
CA VAL B 2 -7.33 -13.65 30.64
C VAL B 2 -7.03 -15.05 30.12
N MET B 3 -8.06 -15.88 29.99
CA MET B 3 -7.93 -17.24 29.52
C MET B 3 -8.91 -17.50 28.40
N LEU B 4 -8.42 -18.05 27.29
CA LEU B 4 -9.25 -18.39 26.14
C LEU B 4 -8.99 -19.86 25.80
N VAL B 5 -9.93 -20.74 26.12
CA VAL B 5 -9.78 -22.16 25.87
C VAL B 5 -10.75 -22.58 24.78
N GLU B 6 -10.30 -23.48 23.91
CA GLU B 6 -11.10 -23.98 22.80
C GLU B 6 -11.48 -25.44 23.04
N SER B 7 -12.31 -25.95 22.14
CA SER B 7 -12.80 -27.32 22.23
C SER B 7 -13.32 -27.72 20.86
N GLY B 8 -14.00 -28.86 20.81
CA GLY B 8 -14.79 -29.22 19.65
C GLY B 8 -14.07 -29.78 18.46
N GLY B 9 -12.75 -29.62 18.41
CA GLY B 9 -11.97 -30.07 17.29
C GLY B 9 -11.80 -31.59 17.28
N GLY B 10 -11.85 -32.14 16.07
CA GLY B 10 -11.73 -33.57 15.90
C GLY B 10 -11.57 -33.96 14.45
N VAL B 11 -12.01 -35.17 14.11
CA VAL B 11 -11.84 -35.71 12.78
C VAL B 11 -13.21 -35.86 12.14
N VAL B 12 -13.35 -35.38 10.91
CA VAL B 12 -14.60 -35.51 10.16
C VAL B 12 -14.26 -35.66 8.68
N LYS B 13 -14.99 -36.55 8.00
CA LYS B 13 -14.83 -36.77 6.57
C LYS B 13 -15.40 -35.57 5.81
N PRO B 14 -15.02 -35.38 4.52
CA PRO B 14 -15.50 -34.21 3.77
C PRO B 14 -17.01 -34.19 3.59
N GLY B 15 -17.57 -33.00 3.73
CA GLY B 15 -19.01 -32.80 3.67
C GLY B 15 -19.71 -32.79 5.01
N GLY B 16 -18.98 -32.88 6.11
CA GLY B 16 -19.56 -32.94 7.43
C GLY B 16 -19.83 -31.57 8.03
N SER B 17 -20.36 -31.58 9.23
CA SER B 17 -20.65 -30.38 10.01
C SER B 17 -19.98 -30.49 11.38
N LEU B 18 -19.34 -29.40 11.78
CA LEU B 18 -18.55 -29.39 13.00
C LEU B 18 -18.67 -28.01 13.63
N LYS B 19 -18.78 -27.97 14.94
CA LYS B 19 -18.99 -26.72 15.68
C LYS B 19 -17.90 -26.57 16.72
N LEU B 20 -17.08 -25.54 16.59
CA LEU B 20 -16.04 -25.23 17.56
C LEU B 20 -16.57 -24.27 18.61
N SER B 21 -16.03 -24.39 19.83
CA SER B 21 -16.42 -23.54 20.94
C SER B 21 -15.19 -22.83 21.49
N CYS B 22 -15.42 -21.71 22.18
CA CYS B 22 -14.32 -20.96 22.79
C CYS B 22 -14.88 -20.24 24.02
N ALA B 23 -14.65 -20.81 25.19
CA ALA B 23 -15.14 -20.24 26.45
C ALA B 23 -14.17 -19.17 26.92
N ALA B 24 -14.63 -17.92 26.96
CA ALA B 24 -13.81 -16.79 27.34
C ALA B 24 -14.07 -16.45 28.80
N SER B 25 -13.00 -16.23 29.56
CA SER B 25 -13.13 -15.88 30.97
C SER B 25 -11.95 -15.02 31.38
N GLY B 26 -12.25 -13.92 32.07
CA GLY B 26 -11.21 -13.08 32.61
C GLY B 26 -11.30 -11.62 32.22
N PHE B 27 -12.33 -11.25 31.47
CA PHE B 27 -12.49 -9.88 31.00
C PHE B 27 -13.96 -9.61 30.73
N SER B 28 -14.29 -8.33 30.57
CA SER B 28 -15.64 -7.94 30.18
C SER B 28 -15.86 -8.33 28.73
N PHE B 29 -16.85 -9.20 28.49
CA PHE B 29 -16.87 -9.96 27.24
C PHE B 29 -17.37 -9.15 26.06
N SER B 30 -18.56 -8.58 26.15
CA SER B 30 -19.22 -8.04 24.97
C SER B 30 -18.72 -6.67 24.56
N THR B 31 -17.58 -6.20 25.07
CA THR B 31 -17.00 -4.94 24.64
C THR B 31 -15.68 -5.14 23.91
N TYR B 32 -15.45 -6.34 23.36
CA TYR B 32 -14.26 -6.62 22.57
C TYR B 32 -14.63 -7.48 21.37
N ALA B 33 -14.23 -7.03 20.19
CA ALA B 33 -14.46 -7.80 18.98
C ALA B 33 -13.54 -9.01 18.96
N MET B 34 -14.08 -10.15 18.55
CA MET B 34 -13.33 -11.39 18.54
C MET B 34 -13.28 -11.95 17.13
N SER B 35 -12.41 -12.94 16.94
CA SER B 35 -12.16 -13.49 15.60
C SER B 35 -11.58 -14.89 15.75
N TRP B 36 -11.62 -15.63 14.65
CA TRP B 36 -11.01 -16.96 14.58
C TRP B 36 -9.92 -16.96 13.52
N ILE B 37 -8.80 -17.61 13.83
CA ILE B 37 -7.65 -17.65 12.93
C ILE B 37 -7.17 -19.09 12.85
N ARG B 38 -7.08 -19.62 11.62
CA ARG B 38 -6.65 -20.99 11.42
C ARG B 38 -5.19 -21.00 11.01
N GLN B 39 -4.53 -22.14 11.23
CA GLN B 39 -3.14 -22.31 10.84
C GLN B 39 -3.01 -23.62 10.07
N THR B 40 -2.89 -23.51 8.75
CA THR B 40 -2.65 -24.65 7.90
C THR B 40 -1.30 -25.29 8.23
N PRO B 41 -1.12 -26.59 8.00
CA PRO B 41 0.10 -27.27 8.48
C PRO B 41 1.39 -26.87 7.78
N GLU B 42 1.39 -25.94 6.83
CA GLU B 42 2.61 -25.28 6.39
C GLU B 42 2.96 -24.08 7.25
N LYS B 43 2.25 -23.90 8.38
CA LYS B 43 2.41 -22.79 9.32
C LYS B 43 2.25 -21.44 8.62
N SER B 44 1.09 -21.25 8.01
CA SER B 44 0.73 -20.01 7.32
C SER B 44 -0.63 -19.56 7.84
N LEU B 45 -0.62 -18.52 8.67
CA LEU B 45 -1.86 -18.07 9.31
C LEU B 45 -2.73 -17.30 8.33
N GLU B 46 -4.03 -17.28 8.62
CA GLU B 46 -5.01 -16.52 7.84
C GLU B 46 -6.25 -16.29 8.69
N TRP B 47 -6.88 -15.13 8.54
CA TRP B 47 -8.24 -14.95 9.03
C TRP B 47 -9.20 -15.94 8.41
N VAL B 48 -10.19 -16.36 9.19
CA VAL B 48 -11.27 -17.18 8.68
C VAL B 48 -12.65 -16.64 9.05
N ALA B 49 -12.76 -15.81 10.10
CA ALA B 49 -14.01 -15.21 10.52
C ALA B 49 -13.68 -14.10 11.52
N ALA B 50 -14.49 -13.05 11.52
CA ALA B 50 -14.30 -11.95 12.44
C ALA B 50 -15.64 -11.31 12.73
N ILE B 51 -15.91 -11.07 14.02
CA ILE B 51 -17.19 -10.51 14.45
C ILE B 51 -16.90 -9.29 15.30
N SER B 52 -17.69 -8.24 15.13
CA SER B 52 -17.52 -7.02 15.90
C SER B 52 -18.08 -7.20 17.31
N SER B 53 -18.07 -6.12 18.09
CA SER B 53 -18.43 -6.20 19.51
C SER B 53 -19.91 -6.44 19.72
N GLY B 54 -20.78 -5.78 18.97
CA GLY B 54 -22.21 -5.95 19.14
C GLY B 54 -22.79 -7.21 18.54
N GLY B 55 -21.96 -8.02 17.87
CA GLY B 55 -22.45 -9.22 17.23
C GLY B 55 -23.22 -8.98 15.96
N THR B 56 -23.11 -7.77 15.39
CA THR B 56 -23.88 -7.39 14.22
C THR B 56 -23.15 -7.60 12.91
N ASN B 57 -21.90 -7.15 12.79
CA ASN B 57 -21.15 -7.22 11.54
C ASN B 57 -20.16 -8.37 11.63
N THR B 58 -20.38 -9.40 10.80
CA THR B 58 -19.47 -10.52 10.68
C THR B 58 -18.84 -10.52 9.30
N TYR B 59 -17.53 -10.72 9.25
CA TYR B 59 -16.80 -10.69 7.99
C TYR B 59 -16.10 -12.01 7.74
N TYR B 60 -16.34 -12.60 6.58
CA TYR B 60 -15.72 -13.83 6.16
C TYR B 60 -14.95 -13.58 4.87
N PRO B 61 -13.82 -14.26 4.65
CA PRO B 61 -13.11 -14.11 3.38
C PRO B 61 -13.84 -14.82 2.26
N GLY B 62 -13.31 -14.64 1.04
CA GLY B 62 -13.97 -15.16 -0.13
C GLY B 62 -13.94 -16.67 -0.28
N SER B 63 -13.00 -17.34 0.40
CA SER B 63 -12.87 -18.78 0.21
C SER B 63 -13.84 -19.56 1.08
N VAL B 64 -14.22 -19.02 2.24
CA VAL B 64 -15.09 -19.74 3.17
C VAL B 64 -16.43 -19.04 3.37
N LYS B 65 -16.76 -18.05 2.55
CA LYS B 65 -18.03 -17.35 2.71
C LYS B 65 -19.18 -18.24 2.26
N GLY B 66 -20.24 -18.29 3.07
CA GLY B 66 -21.42 -19.06 2.78
C GLY B 66 -21.43 -20.44 3.41
N ARG B 67 -20.28 -20.92 3.88
CA ARG B 67 -20.26 -22.22 4.55
C ARG B 67 -19.77 -22.14 5.98
N PHE B 68 -19.04 -21.10 6.36
CA PHE B 68 -18.64 -20.91 7.75
C PHE B 68 -19.52 -19.86 8.41
N THR B 69 -19.82 -20.06 9.68
CA THR B 69 -20.70 -19.15 10.39
C THR B 69 -20.15 -18.92 11.79
N ILE B 70 -19.92 -17.66 12.14
CA ILE B 70 -19.49 -17.31 13.48
C ILE B 70 -20.73 -16.95 14.30
N SER B 71 -20.61 -17.11 15.61
CA SER B 71 -21.68 -16.74 16.52
C SER B 71 -21.06 -16.19 17.79
N ARG B 72 -21.87 -15.49 18.58
CA ARG B 72 -21.39 -14.83 19.78
C ARG B 72 -22.50 -14.87 20.82
N ASP B 73 -22.22 -15.44 21.99
CA ASP B 73 -23.20 -15.55 23.07
C ASP B 73 -22.68 -14.83 24.29
N LYS B 74 -23.35 -13.73 24.65
CA LYS B 74 -23.00 -12.96 25.84
C LYS B 74 -23.47 -13.65 27.12
N ALA B 75 -24.49 -14.50 27.03
CA ALA B 75 -25.12 -15.12 28.19
C ALA B 75 -24.21 -16.15 28.86
N MET B 76 -23.80 -17.18 28.12
CA MET B 76 -22.96 -18.22 28.68
C MET B 76 -21.48 -17.98 28.39
N ASN B 77 -21.14 -16.84 27.78
CA ASN B 77 -19.78 -16.31 27.66
C ASN B 77 -18.87 -17.25 26.86
N THR B 78 -19.38 -17.69 25.71
CA THR B 78 -18.60 -18.51 24.80
C THR B 78 -18.51 -17.81 23.45
N LEU B 79 -17.93 -18.51 22.48
CA LEU B 79 -17.80 -18.03 21.11
C LEU B 79 -17.77 -19.23 20.19
N TYR B 80 -18.60 -19.21 19.14
CA TYR B 80 -18.79 -20.37 18.28
C TYR B 80 -18.37 -20.03 16.86
N LEU B 81 -17.75 -20.99 16.18
CA LEU B 81 -17.52 -20.95 14.74
C LEU B 81 -17.86 -22.35 14.25
N GLN B 82 -19.01 -22.49 13.62
CA GLN B 82 -19.47 -23.79 13.14
C GLN B 82 -19.13 -23.94 11.67
N LEU B 83 -18.81 -25.16 11.26
CA LEU B 83 -18.30 -25.41 9.92
C LEU B 83 -19.28 -26.26 9.13
N SER B 84 -19.17 -26.16 7.79
CA SER B 84 -20.05 -26.90 6.89
C SER B 84 -19.36 -26.99 5.54
N SER B 85 -19.58 -28.10 4.83
CA SER B 85 -19.03 -28.38 3.49
C SER B 85 -17.51 -28.29 3.47
N LEU B 86 -16.89 -29.13 4.30
CA LEU B 86 -15.45 -29.10 4.48
C LEU B 86 -14.74 -29.65 3.26
N ARG B 87 -13.80 -28.87 2.73
CA ARG B 87 -12.98 -29.33 1.63
C ARG B 87 -11.74 -30.00 2.20
N SER B 88 -10.78 -30.33 1.33
CA SER B 88 -9.57 -31.01 1.75
C SER B 88 -8.44 -30.04 2.12
N GLU B 89 -8.69 -28.73 2.05
CA GLU B 89 -7.73 -27.75 2.50
C GLU B 89 -8.13 -27.07 3.79
N ASP B 90 -9.18 -27.54 4.45
CA ASP B 90 -9.61 -27.01 5.74
C ASP B 90 -8.97 -27.75 6.91
N THR B 91 -7.95 -28.54 6.67
CA THR B 91 -7.15 -29.10 7.76
C THR B 91 -6.29 -28.00 8.34
N ALA B 92 -6.50 -27.67 9.61
CA ALA B 92 -5.77 -26.58 10.23
C ALA B 92 -5.81 -26.75 11.74
N MET B 93 -5.38 -25.71 12.45
CA MET B 93 -5.59 -25.56 13.88
C MET B 93 -6.21 -24.18 14.09
N TYR B 94 -7.40 -24.15 14.67
CA TYR B 94 -8.20 -22.93 14.70
C TYR B 94 -7.97 -22.22 16.03
N TYR B 95 -7.42 -21.02 15.97
CA TYR B 95 -7.16 -20.24 17.18
C TYR B 95 -8.32 -19.31 17.48
N CYS B 96 -8.61 -19.14 18.76
CA CYS B 96 -9.58 -18.16 19.24
C CYS B 96 -8.79 -16.88 19.47
N VAL B 97 -9.30 -15.76 18.99
CA VAL B 97 -8.54 -14.53 18.95
C VAL B 97 -9.42 -13.37 19.40
N ARG B 98 -8.90 -12.59 20.35
CA ARG B 98 -9.59 -11.40 20.85
C ARG B 98 -8.84 -10.15 20.40
N HIS B 99 -9.58 -9.18 19.88
CA HIS B 99 -8.98 -7.91 19.49
C HIS B 99 -8.86 -6.99 20.70
N SER B 100 -8.53 -5.71 20.48
CA SER B 100 -8.34 -4.77 21.57
C SER B 100 -9.40 -3.68 21.59
N GLY B 101 -10.29 -3.65 20.61
CA GLY B 101 -11.29 -2.62 20.53
C GLY B 101 -12.64 -3.19 20.18
N ASN B 102 -13.63 -2.31 20.07
CA ASN B 102 -14.98 -2.76 19.75
C ASN B 102 -15.22 -2.98 18.27
N TYR B 103 -14.16 -2.97 17.45
CA TYR B 103 -14.24 -3.31 16.04
C TYR B 103 -13.06 -4.21 15.70
N VAL B 104 -13.01 -4.69 14.46
CA VAL B 104 -12.04 -5.70 14.06
C VAL B 104 -10.78 -5.05 13.49
N ASP B 105 -10.61 -3.74 13.71
CA ASP B 105 -9.47 -3.04 13.13
C ASP B 105 -8.28 -3.03 14.08
N SER B 106 -8.47 -3.36 15.35
CA SER B 106 -7.40 -3.24 16.33
C SER B 106 -6.51 -4.49 16.29
N VAL B 107 -5.60 -4.60 17.25
CA VAL B 107 -4.60 -5.65 17.26
C VAL B 107 -5.09 -6.81 18.12
N MET B 108 -4.65 -8.01 17.78
CA MET B 108 -5.12 -9.24 18.41
C MET B 108 -4.29 -9.54 19.64
N ASP B 109 -4.84 -9.22 20.82
CA ASP B 109 -4.04 -9.21 22.05
C ASP B 109 -3.73 -10.63 22.53
N TYR B 110 -4.76 -11.41 22.82
CA TYR B 110 -4.60 -12.71 23.48
C TYR B 110 -5.18 -13.81 22.61
N TRP B 111 -4.37 -14.84 22.35
CA TRP B 111 -4.76 -15.95 21.49
C TRP B 111 -5.08 -17.17 22.35
N GLY B 112 -5.98 -18.01 21.86
CA GLY B 112 -6.29 -19.26 22.51
C GLY B 112 -5.27 -20.31 22.17
N GLN B 113 -5.47 -21.50 22.73
CA GLN B 113 -4.57 -22.61 22.46
C GLN B 113 -4.86 -23.32 21.16
N GLY B 114 -6.13 -23.44 20.78
CA GLY B 114 -6.49 -24.04 19.51
C GLY B 114 -6.56 -25.55 19.54
N THR B 115 -7.63 -26.10 18.98
CA THR B 115 -7.76 -27.55 18.84
C THR B 115 -8.01 -27.86 17.36
N SER B 116 -7.25 -28.81 16.83
CA SER B 116 -7.14 -28.97 15.39
C SER B 116 -8.39 -29.62 14.80
N VAL B 117 -8.64 -29.33 13.52
CA VAL B 117 -9.70 -29.95 12.75
C VAL B 117 -9.06 -30.58 11.53
N THR B 118 -9.00 -31.92 11.50
CA THR B 118 -8.31 -32.64 10.43
C THR B 118 -9.37 -33.38 9.62
N VAL B 119 -9.43 -33.08 8.33
CA VAL B 119 -10.40 -33.73 7.45
C VAL B 119 -9.71 -34.76 6.55
N SER B 120 -10.14 -36.01 6.66
CA SER B 120 -9.56 -37.12 5.92
C SER B 120 -10.53 -38.28 5.93
N SER B 121 -10.02 -39.44 5.51
CA SER B 121 -10.75 -40.72 5.44
C SER B 121 -12.04 -40.65 4.65
N ASP C 1 21.47 19.52 -25.32
CA ASP C 1 20.62 18.72 -24.45
C ASP C 1 20.77 19.07 -22.97
N ILE C 2 19.78 18.68 -22.17
CA ILE C 2 19.85 18.93 -20.74
C ILE C 2 20.79 17.91 -20.11
N VAL C 3 21.80 18.40 -19.40
CA VAL C 3 22.81 17.53 -18.81
C VAL C 3 22.67 17.60 -17.29
N MET C 4 22.72 16.45 -16.64
CA MET C 4 22.70 16.38 -15.19
C MET C 4 24.13 16.25 -14.67
N THR C 5 24.56 17.21 -13.87
CA THR C 5 25.88 17.20 -13.27
C THR C 5 25.75 16.61 -11.88
N GLN C 6 26.52 15.56 -11.62
CA GLN C 6 26.47 14.83 -10.35
C GLN C 6 27.92 14.64 -9.92
N PHE C 7 28.44 15.62 -9.20
CA PHE C 7 29.88 15.77 -8.99
C PHE C 7 30.45 14.90 -7.89
N GLN C 8 29.62 14.22 -7.11
CA GLN C 8 30.11 13.34 -6.06
C GLN C 8 30.08 11.90 -6.57
N LYS C 9 31.25 11.37 -6.90
CA LYS C 9 31.35 9.98 -7.35
C LYS C 9 31.69 9.02 -6.22
N PHE C 10 32.08 9.53 -5.06
CA PHE C 10 32.45 8.70 -3.93
C PHE C 10 31.99 9.38 -2.64
N MET C 11 31.10 8.71 -1.90
CA MET C 11 30.65 9.20 -0.61
C MET C 11 30.93 8.13 0.44
N SER C 12 31.61 8.53 1.51
CA SER C 12 32.10 7.60 2.52
C SER C 12 31.45 7.93 3.85
N THR C 13 30.36 7.22 4.18
CA THR C 13 29.65 7.39 5.43
C THR C 13 29.46 6.04 6.12
N SER C 14 29.43 6.08 7.45
CA SER C 14 29.37 4.86 8.25
C SER C 14 27.91 4.39 8.36
N VAL C 15 27.69 3.38 9.20
CA VAL C 15 26.35 2.85 9.41
C VAL C 15 25.55 3.81 10.28
N GLY C 16 24.27 3.98 9.97
CA GLY C 16 23.39 4.77 10.80
C GLY C 16 23.60 6.25 10.74
N ASP C 17 24.00 6.79 9.59
CA ASP C 17 24.19 8.22 9.45
C ASP C 17 23.20 8.77 8.44
N ARG C 18 23.33 10.04 8.05
CA ARG C 18 22.44 10.63 7.08
C ARG C 18 23.26 11.17 5.92
N VAL C 19 22.94 10.72 4.71
CA VAL C 19 23.67 11.08 3.50
C VAL C 19 22.72 11.86 2.60
N SER C 20 23.24 12.89 1.94
CA SER C 20 22.46 13.67 0.99
C SER C 20 23.22 13.76 -0.32
N ILE C 21 22.71 13.06 -1.34
CA ILE C 21 23.31 13.05 -2.66
C ILE C 21 22.60 14.10 -3.51
N THR C 22 23.38 14.96 -4.16
CA THR C 22 22.84 16.06 -4.96
C THR C 22 22.96 15.76 -6.44
N CYS C 23 22.01 16.29 -7.22
CA CYS C 23 21.94 16.11 -8.67
C CYS C 23 21.68 17.46 -9.31
N LYS C 24 22.75 18.17 -9.65
CA LYS C 24 22.58 19.46 -10.31
C LYS C 24 22.16 19.27 -11.77
N ALA C 25 21.39 20.23 -12.27
CA ALA C 25 21.03 20.30 -13.67
C ALA C 25 21.55 21.60 -14.24
N SER C 26 21.49 21.73 -15.56
CA SER C 26 21.97 22.93 -16.21
C SER C 26 20.85 23.85 -16.68
N GLN C 27 19.64 23.34 -16.89
CA GLN C 27 18.50 24.17 -17.20
C GLN C 27 17.31 23.72 -16.36
N ASN C 28 16.28 24.55 -16.33
CA ASN C 28 15.20 24.42 -15.34
C ASN C 28 14.24 23.30 -15.74
N VAL C 29 14.67 22.06 -15.47
CA VAL C 29 13.74 20.94 -15.52
C VAL C 29 12.85 20.99 -14.29
N ARG C 30 11.53 21.08 -14.51
CA ARG C 30 10.58 21.55 -13.50
C ARG C 30 10.49 20.63 -12.28
N THR C 31 9.94 19.44 -12.47
CA THR C 31 9.86 18.44 -11.41
C THR C 31 10.16 17.05 -11.95
N ALA C 32 10.65 16.95 -13.17
CA ALA C 32 10.77 15.68 -13.86
C ALA C 32 12.18 15.10 -13.68
N VAL C 33 12.40 14.52 -12.51
CA VAL C 33 13.66 13.86 -12.16
C VAL C 33 13.34 12.56 -11.42
N ALA C 34 13.97 11.47 -11.86
CA ALA C 34 13.81 10.18 -11.20
C ALA C 34 15.15 9.70 -10.67
N TRP C 35 15.10 8.95 -9.57
CA TRP C 35 16.28 8.46 -8.87
C TRP C 35 16.33 6.95 -8.94
N TYR C 36 17.51 6.39 -9.17
CA TYR C 36 17.68 4.97 -9.40
C TYR C 36 18.79 4.40 -8.51
N GLN C 37 18.52 3.26 -7.89
CA GLN C 37 19.53 2.55 -7.12
C GLN C 37 19.94 1.28 -7.84
N GLN C 38 21.24 1.12 -8.09
CA GLN C 38 21.77 -0.05 -8.80
C GLN C 38 22.75 -0.79 -7.89
N LYS C 39 22.30 -1.89 -7.31
CA LYS C 39 23.18 -2.76 -6.55
C LYS C 39 24.16 -3.45 -7.49
N PRO C 40 25.35 -3.84 -6.99
CA PRO C 40 26.35 -4.43 -7.89
C PRO C 40 25.94 -5.80 -8.39
N GLY C 41 25.90 -5.93 -9.71
CA GLY C 41 25.50 -7.16 -10.36
C GLY C 41 24.06 -7.21 -10.81
N GLN C 42 23.28 -6.15 -10.61
CA GLN C 42 21.87 -6.16 -10.96
C GLN C 42 21.53 -4.99 -11.89
N SER C 43 20.26 -4.81 -12.15
CA SER C 43 19.62 -3.71 -12.87
C SER C 43 19.08 -2.69 -11.89
N PRO C 44 19.04 -1.40 -12.28
CA PRO C 44 18.60 -0.35 -11.35
C PRO C 44 17.12 -0.46 -10.99
N LYS C 45 16.84 -0.54 -9.70
CA LYS C 45 15.49 -0.47 -9.18
C LYS C 45 15.13 0.99 -8.90
N ALA C 46 13.88 1.36 -9.13
CA ALA C 46 13.44 2.75 -9.06
C ALA C 46 13.16 3.14 -7.61
N MET C 47 13.65 4.30 -7.21
CA MET C 47 13.48 4.82 -5.86
C MET C 47 12.52 6.00 -5.79
N ILE C 48 12.75 7.03 -6.61
CA ILE C 48 11.95 8.24 -6.60
C ILE C 48 11.47 8.49 -8.03
N TYR C 49 10.21 8.86 -8.19
CA TYR C 49 9.70 9.31 -9.47
C TYR C 49 9.06 10.68 -9.32
N LEU C 50 9.28 11.53 -10.33
CA LEU C 50 8.83 12.94 -10.34
C LEU C 50 9.36 13.73 -9.15
N ALA C 51 10.58 13.39 -8.72
CA ALA C 51 11.44 14.16 -7.83
C ALA C 51 10.97 14.26 -6.39
N SER C 52 9.76 13.81 -6.08
CA SER C 52 9.29 13.82 -4.70
C SER C 52 8.55 12.56 -4.27
N ASN C 53 7.97 11.79 -5.18
CA ASN C 53 7.17 10.64 -4.80
C ASN C 53 8.06 9.42 -4.55
N ARG C 54 7.50 8.45 -3.83
CA ARG C 54 8.25 7.28 -3.40
C ARG C 54 7.57 6.03 -3.93
N HIS C 55 8.36 5.06 -4.36
CA HIS C 55 7.83 3.88 -5.04
C HIS C 55 7.22 2.89 -4.07
N ARG C 56 6.92 1.70 -4.59
CA ARG C 56 6.33 0.64 -3.78
C ARG C 56 7.41 -0.35 -3.34
N GLY C 57 7.48 -0.59 -2.04
CA GLY C 57 8.45 -1.50 -1.48
C GLY C 57 9.77 -0.88 -1.09
N VAL C 58 9.95 0.42 -1.33
CA VAL C 58 11.15 1.15 -0.94
C VAL C 58 10.90 1.71 0.47
N PRO C 59 11.89 1.66 1.38
CA PRO C 59 11.64 2.07 2.76
C PRO C 59 11.36 3.56 2.92
N ASP C 60 11.05 3.96 4.15
CA ASP C 60 10.74 5.36 4.44
C ASP C 60 12.00 6.21 4.51
N ARG C 61 13.17 5.57 4.59
CA ARG C 61 14.44 6.28 4.67
C ARG C 61 14.75 7.02 3.37
N PHE C 62 14.42 6.42 2.24
CA PHE C 62 14.67 7.01 0.93
C PHE C 62 13.66 8.10 0.68
N THR C 63 14.07 9.36 0.79
CA THR C 63 13.24 10.50 0.43
C THR C 63 14.06 11.47 -0.41
N GLY C 64 13.44 12.00 -1.45
CA GLY C 64 14.06 13.00 -2.29
C GLY C 64 13.12 14.18 -2.49
N SER C 65 13.67 15.39 -2.49
CA SER C 65 12.85 16.58 -2.58
C SER C 65 13.63 17.66 -3.33
N GLY C 66 12.93 18.74 -3.64
CA GLY C 66 13.53 19.88 -4.32
C GLY C 66 13.01 20.02 -5.74
N CYS C 67 13.01 21.24 -6.24
CA CYS C 67 12.65 21.54 -7.61
C CYS C 67 13.63 22.57 -8.16
N GLY C 68 13.43 22.96 -9.41
CA GLY C 68 14.29 23.94 -10.04
C GLY C 68 15.43 23.32 -10.83
N THR C 69 16.64 23.46 -10.32
CA THR C 69 17.81 22.87 -10.97
C THR C 69 18.57 21.93 -10.07
N ASP C 70 18.61 22.19 -8.76
CA ASP C 70 19.45 21.46 -7.82
C ASP C 70 18.57 20.54 -6.98
N PHE C 71 18.58 19.26 -7.30
CA PHE C 71 17.78 18.26 -6.60
C PHE C 71 18.63 17.51 -5.59
N THR C 72 17.96 16.74 -4.74
CA THR C 72 18.66 15.97 -3.72
C THR C 72 17.88 14.71 -3.38
N LEU C 73 18.63 13.67 -3.00
CA LEU C 73 18.08 12.43 -2.48
C LEU C 73 18.76 12.16 -1.14
N THR C 74 18.00 12.32 -0.05
CA THR C 74 18.56 12.17 1.29
C THR C 74 18.10 10.86 1.92
N ILE C 75 19.07 10.06 2.34
CA ILE C 75 18.80 8.82 3.06
C ILE C 75 19.15 9.01 4.52
N SER C 76 18.40 8.35 5.39
CA SER C 76 18.64 8.39 6.82
C SER C 76 18.74 6.97 7.34
N ASN C 77 19.51 6.78 8.41
CA ASN C 77 19.76 5.48 9.04
C ASN C 77 20.31 4.48 8.02
N VAL C 78 21.49 4.82 7.51
CA VAL C 78 22.09 4.07 6.41
C VAL C 78 22.50 2.68 6.88
N GLN C 79 21.83 1.67 6.35
CA GLN C 79 22.12 0.28 6.71
C GLN C 79 23.22 -0.26 5.81
N CYS C 80 23.49 -1.56 5.92
CA CYS C 80 24.39 -2.24 5.00
C CYS C 80 23.70 -2.65 3.70
N GLU C 81 22.40 -2.39 3.59
CA GLU C 81 21.67 -2.74 2.37
C GLU C 81 21.87 -1.68 1.29
N ASP C 82 22.39 -0.51 1.65
CA ASP C 82 22.45 0.63 0.75
C ASP C 82 23.83 0.84 0.15
N LEU C 83 24.60 -0.22 -0.05
CA LEU C 83 25.91 -0.11 -0.69
C LEU C 83 25.69 -0.30 -2.19
N ALA C 84 25.46 0.80 -2.89
CA ALA C 84 25.11 0.74 -4.30
C ALA C 84 25.44 2.07 -4.96
N ASP C 85 24.97 2.23 -6.20
CA ASP C 85 25.15 3.43 -6.99
C ASP C 85 23.81 4.15 -7.10
N TYR C 86 23.85 5.47 -7.19
CA TYR C 86 22.62 6.26 -7.25
C TYR C 86 22.67 7.20 -8.45
N PHE C 87 21.78 6.96 -9.42
CA PHE C 87 21.71 7.74 -10.65
C PHE C 87 20.47 8.62 -10.65
N CYS C 88 20.56 9.75 -11.34
CA CYS C 88 19.43 10.64 -11.56
C CYS C 88 19.34 10.96 -13.04
N LEU C 89 18.12 11.08 -13.56
CA LEU C 89 17.93 11.51 -14.93
C LEU C 89 16.78 12.50 -14.99
N GLN C 90 16.74 13.30 -16.05
CA GLN C 90 15.64 14.19 -16.31
C GLN C 90 14.86 13.67 -17.51
N HIS C 91 13.57 13.94 -17.55
CA HIS C 91 12.75 13.53 -18.68
C HIS C 91 11.82 14.64 -19.15
N ARG C 92 12.31 15.88 -19.17
CA ARG C 92 11.50 16.95 -19.72
C ARG C 92 11.51 16.93 -21.24
N ASN C 93 12.68 17.05 -21.85
CA ASN C 93 12.80 16.92 -23.29
C ASN C 93 13.50 15.60 -23.63
N TYR C 94 13.22 15.10 -24.83
CA TYR C 94 13.47 13.72 -25.24
C TYR C 94 14.91 13.23 -25.31
N PRO C 95 15.96 14.08 -25.48
CA PRO C 95 17.29 13.59 -25.13
C PRO C 95 17.46 13.38 -23.62
N LEU C 96 16.90 12.29 -23.11
CA LEU C 96 16.99 11.99 -21.69
C LEU C 96 18.41 11.60 -21.33
N THR C 97 19.01 12.35 -20.41
CA THR C 97 20.38 12.11 -20.00
C THR C 97 20.40 11.73 -18.53
N PHE C 98 21.08 10.63 -18.22
CA PHE C 98 21.24 10.21 -16.84
C PHE C 98 22.38 10.99 -16.18
N GLY C 99 22.55 10.75 -14.89
CA GLY C 99 23.64 11.37 -14.17
C GLY C 99 24.90 10.54 -14.26
N GLY C 100 25.86 10.91 -13.43
CA GLY C 100 27.13 10.20 -13.38
C GLY C 100 27.08 8.99 -12.47
N GLY C 101 26.64 9.18 -11.24
CA GLY C 101 26.57 8.10 -10.28
C GLY C 101 27.32 8.39 -9.00
N THR C 102 26.76 7.94 -7.88
CA THR C 102 27.37 8.20 -6.57
C THR C 102 27.48 6.89 -5.83
N LYS C 103 28.69 6.36 -5.72
CA LYS C 103 28.90 5.08 -5.07
C LYS C 103 29.12 5.28 -3.58
N LEU C 104 28.44 4.47 -2.77
CA LEU C 104 28.59 4.47 -1.32
C LEU C 104 29.36 3.24 -0.88
N GLU C 105 30.28 3.43 0.06
CA GLU C 105 30.95 2.32 0.71
C GLU C 105 31.04 2.61 2.21
N ILE C 106 30.91 1.55 3.00
CA ILE C 106 30.86 1.67 4.45
C ILE C 106 32.26 1.93 4.98
N LYS C 107 32.35 2.81 5.97
CA LYS C 107 33.63 3.11 6.61
C LYS C 107 34.13 1.94 7.44
N GLU D 1 2.85 -11.42 -11.06
CA GLU D 1 4.28 -11.41 -11.35
C GLU D 1 4.57 -10.75 -12.70
N VAL D 2 5.34 -9.67 -12.67
CA VAL D 2 5.75 -8.96 -13.87
C VAL D 2 7.21 -9.32 -14.15
N LYS D 3 7.50 -9.63 -15.41
CA LYS D 3 8.85 -10.03 -15.77
C LYS D 3 9.16 -9.56 -17.18
N LEU D 4 10.44 -9.27 -17.42
CA LEU D 4 10.92 -8.87 -18.73
C LEU D 4 12.27 -9.54 -18.97
N GLU D 5 12.41 -10.18 -20.13
CA GLU D 5 13.61 -10.92 -20.46
C GLU D 5 14.07 -10.54 -21.86
N GLU D 6 15.37 -10.43 -22.05
CA GLU D 6 15.95 -9.98 -23.31
C GLU D 6 16.71 -11.11 -23.99
N SER D 7 17.20 -10.84 -25.20
CA SER D 7 17.92 -11.83 -25.98
C SER D 7 18.96 -11.12 -26.85
N GLY D 8 19.68 -11.90 -27.64
CA GLY D 8 20.66 -11.35 -28.56
C GLY D 8 22.01 -11.04 -27.93
N GLY D 9 22.55 -11.96 -27.14
CA GLY D 9 23.82 -11.73 -26.50
C GLY D 9 25.00 -12.24 -27.31
N GLY D 10 25.72 -11.33 -27.97
CA GLY D 10 26.82 -11.77 -28.80
C GLY D 10 27.72 -10.61 -29.20
N LEU D 11 28.73 -10.95 -29.99
CA LEU D 11 29.68 -9.99 -30.52
C LEU D 11 29.55 -9.94 -32.04
N VAL D 12 29.62 -8.73 -32.60
CA VAL D 12 29.55 -8.54 -34.04
C VAL D 12 30.72 -7.70 -34.49
N GLN D 13 31.11 -7.88 -35.75
CA GLN D 13 32.09 -7.00 -36.36
C GLN D 13 31.41 -5.68 -36.70
N PRO D 14 32.13 -4.56 -36.61
CA PRO D 14 31.53 -3.25 -36.97
C PRO D 14 31.12 -3.19 -38.43
N GLY D 15 29.81 -3.14 -38.65
CA GLY D 15 29.23 -3.25 -39.97
C GLY D 15 28.15 -4.32 -40.09
N GLY D 16 27.93 -5.11 -39.05
CA GLY D 16 26.89 -6.12 -39.06
C GLY D 16 25.56 -5.55 -38.58
N SER D 17 24.73 -6.45 -38.05
CA SER D 17 23.43 -6.06 -37.54
C SER D 17 23.01 -7.04 -36.46
N MET D 18 22.30 -6.55 -35.46
CA MET D 18 21.87 -7.40 -34.35
C MET D 18 20.50 -6.93 -33.88
N LYS D 19 19.54 -7.85 -33.81
CA LYS D 19 18.16 -7.54 -33.47
C LYS D 19 17.83 -8.08 -32.09
N LEU D 20 17.76 -7.18 -31.10
CA LEU D 20 17.42 -7.55 -29.74
C LEU D 20 15.91 -7.64 -29.59
N SER D 21 15.46 -8.58 -28.75
CA SER D 21 14.05 -8.80 -28.50
C SER D 21 13.82 -8.79 -27.00
N CYS D 22 12.72 -8.17 -26.57
CA CYS D 22 12.36 -8.10 -25.16
C CYS D 22 10.94 -8.64 -24.99
N ALA D 23 10.82 -9.87 -24.51
CA ALA D 23 9.53 -10.49 -24.30
C ALA D 23 9.03 -10.20 -22.90
N ALA D 24 7.84 -9.62 -22.81
CA ALA D 24 7.26 -9.23 -21.54
C ALA D 24 5.89 -9.89 -21.38
N SER D 25 5.58 -10.24 -20.13
CA SER D 25 4.31 -10.83 -19.79
C SER D 25 4.04 -10.60 -18.31
N GLY D 26 2.77 -10.72 -17.94
CA GLY D 26 2.38 -10.43 -16.58
C GLY D 26 1.71 -9.10 -16.39
N PHE D 27 1.53 -8.33 -17.46
CA PHE D 27 0.81 -7.07 -17.40
C PHE D 27 0.15 -6.82 -18.73
N THR D 28 -0.73 -5.83 -18.77
CA THR D 28 -1.40 -5.44 -20.00
C THR D 28 -0.41 -4.70 -20.91
N PHE D 29 -0.06 -5.34 -22.02
CA PHE D 29 0.97 -4.84 -22.92
C PHE D 29 0.47 -3.72 -23.83
N SER D 30 -0.83 -3.45 -23.85
CA SER D 30 -1.36 -2.42 -24.72
C SER D 30 -0.95 -1.03 -24.26
N ASP D 31 -1.10 -0.75 -22.96
CA ASP D 31 -0.79 0.56 -22.40
C ASP D 31 0.46 0.49 -21.52
N ALA D 32 1.61 0.61 -22.17
CA ALA D 32 2.91 0.61 -21.51
C ALA D 32 3.91 1.29 -22.44
N TRP D 33 4.72 2.18 -21.90
CA TRP D 33 5.65 2.97 -22.70
C TRP D 33 7.08 2.52 -22.37
N MET D 34 7.65 1.73 -23.26
CA MET D 34 8.84 0.94 -22.97
C MET D 34 10.05 1.51 -23.70
N ASP D 35 11.10 1.82 -22.95
CA ASP D 35 12.31 2.37 -23.52
C ASP D 35 13.39 1.30 -23.60
N TRP D 36 14.57 1.71 -24.05
CA TRP D 36 15.77 0.88 -24.03
C TRP D 36 16.91 1.76 -23.57
N VAL D 37 17.60 1.35 -22.52
CA VAL D 37 18.67 2.14 -21.95
C VAL D 37 19.97 1.35 -21.96
N ARG D 38 21.08 2.07 -22.06
CA ARG D 38 22.39 1.51 -22.37
C ARG D 38 23.32 1.80 -21.21
N GLN D 39 24.10 0.79 -20.80
CA GLN D 39 25.13 0.97 -19.79
C GLN D 39 26.46 0.53 -20.36
N SER D 40 27.39 1.48 -20.49
CA SER D 40 28.72 1.19 -20.98
C SER D 40 29.70 1.52 -19.86
N PRO D 41 30.83 0.81 -19.78
CA PRO D 41 31.77 1.07 -18.67
C PRO D 41 32.48 2.40 -18.77
N GLU D 42 32.61 2.98 -19.96
CA GLU D 42 33.31 4.25 -20.11
C GLU D 42 32.39 5.45 -19.95
N LYS D 43 31.17 5.36 -20.51
CA LYS D 43 30.29 6.52 -20.57
C LYS D 43 29.10 6.44 -19.62
N GLY D 44 29.00 5.39 -18.81
CA GLY D 44 27.93 5.30 -17.83
C GLY D 44 26.60 4.91 -18.43
N LEU D 45 25.51 5.42 -17.88
CA LEU D 45 24.17 5.13 -18.36
C LEU D 45 23.83 6.06 -19.52
N GLU D 46 23.19 5.51 -20.54
CA GLU D 46 22.67 6.29 -21.65
C GLU D 46 21.25 5.84 -21.97
N TRP D 47 20.62 6.52 -22.92
CA TRP D 47 19.24 6.25 -23.30
C TRP D 47 19.17 6.13 -24.81
N VAL D 48 18.59 5.02 -25.28
CA VAL D 48 18.72 4.61 -26.68
C VAL D 48 17.46 4.93 -27.48
N ALA D 49 16.31 4.40 -27.07
CA ALA D 49 15.09 4.59 -27.83
C ALA D 49 13.89 4.52 -26.90
N GLN D 50 12.71 4.68 -27.48
CA GLN D 50 11.45 4.67 -26.74
C GLN D 50 10.31 4.39 -27.71
N ILE D 51 9.51 3.38 -27.40
CA ILE D 51 8.25 3.17 -28.09
C ILE D 51 7.13 3.45 -27.09
N ARG D 52 6.04 4.01 -27.60
CA ARG D 52 4.93 4.44 -26.76
C ARG D 52 3.80 3.43 -26.83
N ARG D 53 2.67 3.80 -26.23
CA ARG D 53 1.54 2.89 -26.17
C ARG D 53 0.68 3.02 -27.42
N LYS D 54 -0.42 2.27 -27.46
CA LYS D 54 -1.23 2.15 -28.67
C LYS D 54 -1.99 3.43 -28.99
N ALA D 55 -2.46 4.14 -27.97
CA ALA D 55 -3.26 5.35 -28.18
C ALA D 55 -2.43 6.57 -28.55
N ASN D 56 -1.12 6.44 -28.72
CA ASN D 56 -0.25 7.54 -29.13
C ASN D 56 0.46 7.23 -30.44
N ASN D 57 -0.23 6.49 -31.32
CA ASN D 57 0.15 6.16 -32.70
C ASN D 57 1.44 5.37 -32.81
N HIS D 58 1.86 4.69 -31.73
CA HIS D 58 3.12 3.93 -31.64
C HIS D 58 4.31 4.81 -32.01
N ALA D 59 4.49 5.87 -31.24
CA ALA D 59 5.54 6.84 -31.52
C ALA D 59 6.90 6.27 -31.18
N THR D 60 7.92 6.77 -31.88
CA THR D 60 9.29 6.36 -31.66
C THR D 60 10.16 7.61 -31.49
N TYR D 61 10.89 7.65 -30.38
CA TYR D 61 11.81 8.75 -30.14
C TYR D 61 13.18 8.17 -29.85
N TYR D 62 14.15 8.48 -30.71
CA TYR D 62 15.52 8.06 -30.53
C TYR D 62 16.35 9.21 -30.01
N ALA D 63 17.47 8.87 -29.38
CA ALA D 63 18.48 9.88 -29.12
C ALA D 63 19.13 10.28 -30.43
N GLU D 64 19.70 11.49 -30.46
CA GLU D 64 20.26 11.97 -31.72
C GLU D 64 21.59 11.35 -32.07
N SER D 65 22.16 10.52 -31.20
CA SER D 65 23.39 9.79 -31.50
C SER D 65 23.16 8.50 -32.26
N VAL D 66 21.92 8.02 -32.33
CA VAL D 66 21.64 6.73 -32.94
C VAL D 66 20.56 6.86 -34.01
N LYS D 67 20.46 8.02 -34.64
CA LYS D 67 19.46 8.22 -35.68
C LYS D 67 19.87 7.51 -36.96
N GLY D 68 18.96 6.73 -37.52
CA GLY D 68 19.22 6.03 -38.76
C GLY D 68 19.99 4.73 -38.63
N ARG D 69 20.55 4.46 -37.45
CA ARG D 69 21.20 3.19 -37.18
C ARG D 69 20.41 2.33 -36.20
N PHE D 70 19.29 2.82 -35.70
CA PHE D 70 18.52 2.16 -34.64
C PHE D 70 17.05 2.34 -34.99
N THR D 71 16.31 1.24 -35.12
CA THR D 71 14.87 1.31 -35.18
C THR D 71 14.29 0.39 -34.10
N ILE D 72 13.13 0.78 -33.58
CA ILE D 72 12.45 0.03 -32.53
C ILE D 72 11.05 -0.30 -33.03
N SER D 73 10.61 -1.54 -32.80
CA SER D 73 9.29 -1.96 -33.23
C SER D 73 8.69 -2.87 -32.18
N ARG D 74 7.42 -2.66 -31.88
CA ARG D 74 6.71 -3.44 -30.89
C ARG D 74 5.57 -4.20 -31.56
N ASP D 75 5.05 -5.20 -30.85
CA ASP D 75 3.92 -5.99 -31.31
C ASP D 75 3.16 -6.45 -30.08
N ASP D 76 1.98 -5.87 -29.85
CA ASP D 76 1.22 -6.18 -28.65
C ASP D 76 0.56 -7.54 -28.70
N SER D 77 0.41 -8.13 -29.90
CA SER D 77 -0.20 -9.46 -29.99
C SER D 77 0.73 -10.54 -29.46
N LYS D 78 2.03 -10.43 -29.74
CA LYS D 78 3.01 -11.37 -29.20
C LYS D 78 3.61 -10.89 -27.89
N SER D 79 3.27 -9.67 -27.46
CA SER D 79 3.72 -9.05 -26.21
C SER D 79 5.24 -8.97 -26.12
N SER D 80 5.85 -8.33 -27.12
CA SER D 80 7.30 -8.17 -27.14
C SER D 80 7.65 -6.94 -27.95
N VAL D 81 8.78 -6.34 -27.62
CA VAL D 81 9.30 -5.16 -28.31
C VAL D 81 10.68 -5.53 -28.84
N TYR D 82 11.02 -5.02 -30.02
CA TYR D 82 12.28 -5.34 -30.68
C TYR D 82 13.08 -4.06 -30.89
N LEU D 83 14.40 -4.17 -30.78
CA LEU D 83 15.30 -3.05 -31.08
C LEU D 83 16.29 -3.51 -32.15
N GLN D 84 15.98 -3.19 -33.40
CA GLN D 84 16.79 -3.61 -34.55
C GLN D 84 17.90 -2.60 -34.76
N MET D 85 19.14 -3.07 -34.71
CA MET D 85 20.31 -2.22 -34.85
C MET D 85 21.04 -2.60 -36.13
N ASN D 86 21.34 -1.61 -36.96
CA ASN D 86 22.10 -1.84 -38.19
C ASN D 86 23.19 -0.80 -38.31
N SER D 87 24.28 -1.19 -39.00
CA SER D 87 25.47 -0.37 -39.22
C SER D 87 26.07 0.12 -37.89
N LEU D 88 26.48 -0.84 -37.08
CA LEU D 88 26.93 -0.53 -35.73
C LEU D 88 28.32 0.09 -35.74
N ARG D 89 28.71 0.65 -34.59
CA ARG D 89 29.97 1.36 -34.46
C ARG D 89 30.77 0.82 -33.28
N ALA D 90 31.83 1.53 -32.90
CA ALA D 90 32.66 1.08 -31.78
C ALA D 90 32.10 1.52 -30.44
N GLU D 91 31.36 2.63 -30.39
CA GLU D 91 30.84 3.13 -29.12
C GLU D 91 29.44 2.62 -28.82
N ASP D 92 28.93 1.64 -29.57
CA ASP D 92 27.66 1.01 -29.27
C ASP D 92 27.81 -0.18 -28.33
N THR D 93 28.97 -0.35 -27.72
CA THR D 93 29.23 -1.41 -26.77
C THR D 93 28.50 -1.13 -25.45
N GLY D 94 28.01 -2.19 -24.82
CA GLY D 94 27.46 -2.08 -23.50
C GLY D 94 26.34 -3.07 -23.27
N ILE D 95 25.57 -2.82 -22.22
CA ILE D 95 24.45 -3.66 -21.83
C ILE D 95 23.16 -2.88 -22.08
N TYR D 96 22.19 -3.55 -22.72
CA TYR D 96 20.94 -2.92 -23.11
C TYR D 96 19.79 -3.45 -22.26
N TYR D 97 19.19 -2.57 -21.46
CA TYR D 97 18.12 -2.94 -20.54
C TYR D 97 16.79 -2.60 -21.18
N CYS D 98 15.79 -3.46 -20.95
CA CYS D 98 14.43 -3.24 -21.46
C CYS D 98 13.51 -3.05 -20.26
N ILE D 99 12.80 -1.92 -20.24
CA ILE D 99 12.03 -1.51 -19.08
C ILE D 99 10.55 -1.48 -19.42
N ARG D 100 9.70 -1.45 -18.39
CA ARG D 100 8.27 -1.41 -18.63
C ARG D 100 7.79 0.02 -18.86
N GLY D 101 7.89 0.87 -17.86
CA GLY D 101 7.54 2.27 -18.01
C GLY D 101 8.39 3.15 -17.13
N MET D 102 9.09 4.10 -17.74
CA MET D 102 10.07 4.90 -17.02
C MET D 102 9.38 6.11 -16.39
N THR D 103 9.92 6.55 -15.26
CA THR D 103 9.57 7.81 -14.58
C THR D 103 8.11 7.88 -14.15
N TYR D 104 7.54 6.76 -13.74
CA TYR D 104 6.25 6.74 -13.05
C TYR D 104 6.22 5.48 -12.22
N ALA D 105 5.04 5.12 -11.74
CA ALA D 105 4.86 3.83 -11.08
C ALA D 105 4.97 2.70 -12.12
N MET D 106 5.07 1.47 -11.59
CA MET D 106 5.34 0.26 -12.37
C MET D 106 6.65 0.40 -13.16
N ASP D 107 7.67 0.97 -12.52
CA ASP D 107 8.97 1.19 -13.16
C ASP D 107 9.84 -0.05 -12.99
N PHE D 108 9.51 -1.08 -13.74
CA PHE D 108 10.30 -2.31 -13.73
C PHE D 108 11.37 -2.25 -14.81
N TRP D 109 12.52 -2.85 -14.51
CA TRP D 109 13.63 -2.96 -15.44
C TRP D 109 13.90 -4.43 -15.73
N GLY D 110 14.54 -4.69 -16.86
CA GLY D 110 14.84 -6.05 -17.22
C GLY D 110 16.06 -6.60 -16.52
N GLN D 111 16.93 -7.28 -17.27
CA GLN D 111 18.19 -7.75 -16.68
C GLN D 111 19.35 -7.40 -17.60
N GLY D 112 19.07 -7.17 -18.88
CA GLY D 112 20.09 -6.70 -19.79
C GLY D 112 20.62 -7.76 -20.73
N THR D 113 21.47 -7.34 -21.66
CA THR D 113 22.06 -8.24 -22.64
C THR D 113 23.35 -7.61 -23.15
N SER D 114 24.46 -8.32 -23.02
CA SER D 114 25.76 -7.78 -23.37
C SER D 114 25.95 -7.75 -24.88
N VAL D 115 26.27 -6.57 -25.40
CA VAL D 115 26.53 -6.37 -26.83
C VAL D 115 27.90 -5.75 -26.96
N THR D 116 28.81 -6.44 -27.66
CA THR D 116 30.17 -5.97 -27.83
C THR D 116 30.52 -5.95 -29.32
N VAL D 117 31.48 -5.11 -29.69
CA VAL D 117 31.99 -5.05 -31.07
C VAL D 117 33.47 -5.37 -31.04
N SER D 118 34.00 -5.80 -32.19
CA SER D 118 35.40 -6.19 -32.29
C SER D 118 36.13 -5.34 -33.33
N THR E 10 -44.05 18.68 16.06
CA THR E 10 -42.70 18.17 16.13
C THR E 10 -42.33 17.52 14.80
N ASN E 11 -41.65 18.29 13.93
CA ASN E 11 -41.18 17.78 12.65
C ASN E 11 -39.70 17.47 12.77
N LEU E 12 -39.36 16.18 12.68
CA LEU E 12 -37.98 15.77 12.84
C LEU E 12 -37.18 16.09 11.57
N CYS E 13 -35.93 16.08 11.72
CA CYS E 13 -35.02 16.52 10.67
C CYS E 13 -34.70 15.39 9.72
N PRO E 14 -34.58 15.68 8.42
CA PRO E 14 -34.23 14.64 7.46
C PRO E 14 -32.79 14.17 7.58
N PHE E 15 -32.61 12.98 8.17
CA PHE E 15 -31.38 12.22 8.09
C PHE E 15 -31.56 10.96 7.25
N GLY E 16 -32.79 10.67 6.84
CA GLY E 16 -33.11 9.49 6.08
C GLY E 16 -32.95 9.61 4.58
N GLU E 17 -32.25 10.63 4.10
CA GLU E 17 -31.83 10.68 2.71
C GLU E 17 -30.35 10.98 2.54
N VAL E 18 -29.62 11.22 3.63
CA VAL E 18 -28.18 11.38 3.57
C VAL E 18 -27.44 10.21 4.20
N PHE E 19 -28.13 9.36 4.96
CA PHE E 19 -27.50 8.20 5.59
C PHE E 19 -27.77 6.91 4.81
N ASN E 20 -29.04 6.53 4.68
CA ASN E 20 -29.41 5.33 3.97
C ASN E 20 -29.86 5.66 2.54
N ALA E 21 -28.97 6.32 1.80
CA ALA E 21 -29.22 6.62 0.40
C ALA E 21 -28.74 5.45 -0.44
N THR E 22 -29.25 5.33 -1.67
CA THR E 22 -28.93 4.20 -2.52
C THR E 22 -27.57 4.31 -3.18
N ARG E 23 -27.08 5.53 -3.42
CA ARG E 23 -25.78 5.72 -4.05
C ARG E 23 -25.19 7.04 -3.58
N PHE E 24 -24.03 6.98 -2.94
CA PHE E 24 -23.30 8.17 -2.52
C PHE E 24 -22.49 8.73 -3.68
N ALA E 25 -21.62 9.67 -3.37
CA ALA E 25 -20.72 10.27 -4.34
C ALA E 25 -19.28 9.94 -3.98
N SER E 26 -18.39 10.11 -4.95
CA SER E 26 -16.98 9.82 -4.76
C SER E 26 -16.36 10.82 -3.80
N VAL E 27 -15.17 10.49 -3.29
CA VAL E 27 -14.56 11.35 -2.28
C VAL E 27 -14.00 12.64 -2.88
N TYR E 28 -13.64 12.64 -4.16
CA TYR E 28 -13.11 13.86 -4.75
C TYR E 28 -14.20 14.86 -5.09
N ALA E 29 -15.45 14.43 -5.14
CA ALA E 29 -16.61 15.32 -5.23
C ALA E 29 -17.62 14.87 -4.19
N TRP E 30 -17.45 15.31 -2.94
CA TRP E 30 -18.39 14.88 -1.93
C TRP E 30 -19.64 15.74 -1.97
N ASN E 31 -20.71 15.23 -1.38
CA ASN E 31 -22.00 15.90 -1.36
C ASN E 31 -22.12 16.72 -0.09
N ARG E 32 -22.25 18.04 -0.26
CA ARG E 32 -22.44 18.95 0.86
C ARG E 32 -23.91 19.33 0.92
N LYS E 33 -24.55 19.05 2.05
CA LYS E 33 -25.99 19.26 2.21
C LYS E 33 -26.23 20.21 3.37
N ARG E 34 -26.76 21.39 3.07
CA ARG E 34 -27.08 22.37 4.09
C ARG E 34 -28.37 21.98 4.80
N ILE E 35 -28.28 21.76 6.11
CA ILE E 35 -29.41 21.39 6.94
C ILE E 35 -29.76 22.58 7.82
N SER E 36 -31.00 23.04 7.74
CA SER E 36 -31.46 24.16 8.55
C SER E 36 -32.96 24.05 8.75
N ASN E 37 -33.44 24.73 9.80
CA ASN E 37 -34.84 24.71 10.24
C ASN E 37 -35.32 23.29 10.50
N CYS E 38 -34.65 22.64 11.45
CA CYS E 38 -34.92 21.27 11.82
C CYS E 38 -35.23 21.17 13.30
N VAL E 39 -35.67 19.99 13.70
CA VAL E 39 -35.58 19.52 15.08
C VAL E 39 -34.89 18.16 14.97
N ALA E 40 -33.58 18.14 15.13
CA ALA E 40 -32.81 16.94 14.87
C ALA E 40 -32.79 16.02 16.09
N ASP E 41 -32.48 14.76 15.84
CA ASP E 41 -32.39 13.76 16.90
C ASP E 41 -31.07 13.00 16.75
N TYR E 42 -30.01 13.55 17.33
CA TYR E 42 -28.71 12.91 17.26
C TYR E 42 -28.59 11.69 18.16
N SER E 43 -29.46 11.56 19.17
CA SER E 43 -29.43 10.40 20.04
C SER E 43 -29.95 9.13 19.36
N VAL E 44 -30.74 9.26 18.31
CA VAL E 44 -31.14 8.10 17.53
C VAL E 44 -29.97 7.60 16.69
N LEU E 45 -29.10 8.53 16.28
CA LEU E 45 -27.92 8.15 15.52
C LEU E 45 -26.88 7.50 16.40
N TYR E 46 -26.70 7.99 17.63
CA TYR E 46 -25.64 7.51 18.49
C TYR E 46 -25.93 6.13 19.06
N ASN E 47 -27.19 5.73 19.16
CA ASN E 47 -27.57 4.44 19.72
C ASN E 47 -28.18 3.55 18.65
N SER E 48 -27.59 3.55 17.46
CA SER E 48 -28.03 2.68 16.39
C SER E 48 -27.28 1.37 16.34
N ALA E 49 -26.05 1.32 16.87
CA ALA E 49 -25.19 0.15 16.98
C ALA E 49 -24.87 -0.49 15.63
N SER E 50 -24.94 0.28 14.54
CA SER E 50 -24.58 -0.21 13.22
C SER E 50 -23.33 0.46 12.67
N PHE E 51 -23.04 1.68 13.09
CA PHE E 51 -21.82 2.35 12.68
C PHE E 51 -20.62 1.77 13.42
N SER E 52 -19.48 1.81 12.76
CA SER E 52 -18.25 1.29 13.33
C SER E 52 -17.31 2.38 13.83
N THR E 53 -17.58 3.64 13.50
CA THR E 53 -16.74 4.75 13.93
C THR E 53 -17.64 5.93 14.20
N PHE E 54 -17.78 6.31 15.48
CA PHE E 54 -18.57 7.48 15.88
C PHE E 54 -17.69 8.30 16.81
N LYS E 55 -16.89 9.19 16.24
CA LYS E 55 -15.94 9.99 17.00
C LYS E 55 -16.35 11.45 16.90
N CYS E 56 -16.69 12.06 18.02
CA CYS E 56 -16.97 13.49 18.07
C CYS E 56 -15.70 14.23 18.47
N TYR E 57 -15.47 15.39 17.86
CA TYR E 57 -14.18 16.06 17.98
C TYR E 57 -14.30 17.44 18.58
N GLY E 58 -15.00 17.57 19.69
CA GLY E 58 -15.08 18.85 20.36
C GLY E 58 -16.40 19.10 21.05
N VAL E 59 -17.38 18.26 20.78
CA VAL E 59 -18.65 18.25 21.49
C VAL E 59 -18.79 16.90 22.18
N SER E 60 -19.65 16.83 23.18
CA SER E 60 -19.92 15.54 23.81
C SER E 60 -21.04 14.85 23.06
N PRO E 61 -20.95 13.54 22.82
CA PRO E 61 -22.01 12.87 22.05
C PRO E 61 -23.31 12.70 22.82
N THR E 62 -23.25 12.60 24.14
CA THR E 62 -24.48 12.51 24.92
C THR E 62 -25.18 13.85 25.07
N LYS E 63 -24.44 14.96 25.01
CA LYS E 63 -25.01 16.29 25.07
C LYS E 63 -25.22 16.90 23.69
N LEU E 64 -25.51 16.09 22.67
CA LEU E 64 -25.74 16.64 21.34
C LEU E 64 -27.13 17.24 21.22
N ASN E 65 -28.10 16.71 21.99
CA ASN E 65 -29.47 17.20 21.88
C ASN E 65 -29.63 18.55 22.56
N ASP E 66 -28.79 18.85 23.54
CA ASP E 66 -28.91 20.11 24.28
C ASP E 66 -28.02 21.19 23.68
N LEU E 67 -28.13 21.36 22.36
CA LEU E 67 -27.33 22.33 21.64
C LEU E 67 -28.15 22.92 20.52
N CYS E 68 -28.10 24.26 20.39
CA CYS E 68 -28.79 24.96 19.32
C CYS E 68 -27.75 25.58 18.39
N PHE E 69 -27.70 25.07 17.17
CA PHE E 69 -26.79 25.57 16.15
C PHE E 69 -27.56 26.45 15.17
N THR E 70 -26.85 26.94 14.16
CA THR E 70 -27.45 27.74 13.11
C THR E 70 -27.46 27.01 11.76
N ASN E 71 -26.37 26.34 11.39
CA ASN E 71 -26.40 25.43 10.26
C ASN E 71 -25.63 24.18 10.64
N VAL E 72 -26.10 23.03 10.16
CA VAL E 72 -25.39 21.77 10.26
C VAL E 72 -25.11 21.28 8.85
N TYR E 73 -23.85 20.97 8.57
CA TYR E 73 -23.45 20.55 7.24
C TYR E 73 -22.97 19.11 7.27
N ALA E 74 -23.55 18.28 6.40
CA ALA E 74 -23.27 16.85 6.36
C ALA E 74 -22.60 16.52 5.03
N ASP E 75 -21.38 15.97 5.11
CA ASP E 75 -20.55 15.68 3.94
C ASP E 75 -20.46 14.17 3.77
N SER E 76 -21.00 13.64 2.67
CA SER E 76 -21.03 12.21 2.43
C SER E 76 -20.05 11.83 1.32
N PHE E 77 -19.26 10.79 1.58
CA PHE E 77 -18.36 10.24 0.57
C PHE E 77 -18.07 8.78 0.92
N VAL E 78 -17.37 8.10 0.02
CA VAL E 78 -17.05 6.68 0.16
C VAL E 78 -15.55 6.51 0.04
N ILE E 79 -14.92 5.96 1.07
CA ILE E 79 -13.48 5.70 1.09
C ILE E 79 -13.25 4.25 1.47
N ARG E 80 -11.99 3.83 1.43
CA ARG E 80 -11.59 2.54 1.92
C ARG E 80 -11.69 2.51 3.44
N GLY E 81 -11.69 1.30 4.00
CA GLY E 81 -11.79 1.18 5.45
C GLY E 81 -10.53 1.62 6.15
N ASP E 82 -9.38 1.39 5.52
CA ASP E 82 -8.09 1.78 6.08
C ASP E 82 -7.86 3.28 6.06
N GLU E 83 -8.69 4.05 5.35
CA GLU E 83 -8.51 5.49 5.21
C GLU E 83 -9.54 6.30 5.99
N VAL E 84 -10.28 5.68 6.90
CA VAL E 84 -11.20 6.45 7.74
C VAL E 84 -10.45 7.16 8.87
N ARG E 85 -9.20 6.76 9.14
CA ARG E 85 -8.38 7.47 10.11
C ARG E 85 -7.99 8.86 9.66
N GLN E 86 -7.96 9.11 8.34
CA GLN E 86 -7.52 10.38 7.81
C GLN E 86 -8.64 11.41 7.69
N ILE E 87 -9.72 11.24 8.45
CA ILE E 87 -10.83 12.19 8.46
C ILE E 87 -10.83 12.78 9.87
N ALA E 88 -9.64 12.90 10.44
CA ALA E 88 -9.41 13.45 11.77
C ALA E 88 -8.80 14.85 11.66
N PRO E 89 -8.99 15.71 12.66
CA PRO E 89 -8.34 17.03 12.63
C PRO E 89 -6.84 16.89 12.89
N GLY E 90 -6.05 17.13 11.85
CA GLY E 90 -4.60 17.16 11.94
C GLY E 90 -3.91 16.00 11.24
N GLN E 91 -4.65 14.94 10.93
CA GLN E 91 -4.04 13.78 10.27
C GLN E 91 -3.74 14.08 8.81
N THR E 92 -2.83 13.30 8.23
CA THR E 92 -2.38 13.49 6.87
C THR E 92 -2.38 12.16 6.14
N GLY E 93 -2.27 12.24 4.82
CA GLY E 93 -2.35 11.07 3.97
C GLY E 93 -2.83 11.45 2.59
N LYS E 94 -3.25 10.43 1.84
CA LYS E 94 -3.74 10.67 0.49
C LYS E 94 -5.12 11.30 0.48
N ILE E 95 -5.90 11.08 1.53
CA ILE E 95 -7.27 11.57 1.56
C ILE E 95 -7.34 12.95 2.21
N ALA E 96 -6.61 13.16 3.30
CA ALA E 96 -6.69 14.42 4.01
C ALA E 96 -5.95 15.53 3.26
N ASP E 97 -4.89 15.19 2.53
CA ASP E 97 -4.16 16.23 1.81
C ASP E 97 -4.85 16.63 0.51
N TYR E 98 -5.34 15.67 -0.26
CA TYR E 98 -5.77 15.94 -1.63
C TYR E 98 -7.26 15.81 -1.87
N ASN E 99 -8.01 15.18 -0.96
CA ASN E 99 -9.43 14.93 -1.19
C ASN E 99 -10.34 15.66 -0.22
N TYR E 100 -10.16 15.48 1.09
CA TYR E 100 -11.09 16.06 2.07
C TYR E 100 -10.32 16.43 3.31
N LYS E 101 -10.08 17.72 3.51
CA LYS E 101 -9.25 18.20 4.61
C LYS E 101 -10.13 18.81 5.69
N LEU E 102 -9.93 18.38 6.92
CA LEU E 102 -10.61 18.94 8.08
C LEU E 102 -9.67 19.87 8.82
N PRO E 103 -10.15 21.00 9.33
CA PRO E 103 -9.27 21.93 10.06
C PRO E 103 -9.06 21.48 11.50
N ASP E 104 -7.97 21.96 12.08
CA ASP E 104 -7.68 21.63 13.48
C ASP E 104 -8.25 22.65 14.45
N ASP E 105 -9.51 23.00 14.23
CA ASP E 105 -10.39 23.63 15.21
C ASP E 105 -11.79 23.08 15.06
N PHE E 106 -11.88 21.82 14.59
CA PHE E 106 -13.13 21.20 14.18
C PHE E 106 -14.07 21.02 15.36
N THR E 107 -15.37 21.14 15.09
CA THR E 107 -16.42 20.84 16.06
C THR E 107 -17.51 20.02 15.37
N GLY E 108 -17.33 18.70 15.37
CA GLY E 108 -18.27 17.83 14.70
C GLY E 108 -18.00 16.38 15.01
N CYS E 109 -18.81 15.51 14.41
CA CYS E 109 -18.72 14.08 14.67
C CYS E 109 -18.63 13.33 13.36
N VAL E 110 -17.57 12.52 13.21
CA VAL E 110 -17.33 11.73 12.02
C VAL E 110 -18.00 10.38 12.20
N ILE E 111 -18.88 10.01 11.27
CA ILE E 111 -19.62 8.76 11.32
C ILE E 111 -19.23 7.90 10.12
N ALA E 112 -19.09 6.60 10.34
CA ALA E 112 -18.70 5.69 9.27
C ALA E 112 -19.25 4.30 9.56
N TRP E 113 -19.51 3.54 8.49
CA TRP E 113 -19.97 2.17 8.64
C TRP E 113 -19.57 1.39 7.40
N ASN E 114 -19.52 0.06 7.54
CA ASN E 114 -19.14 -0.80 6.42
C ASN E 114 -20.26 -0.84 5.40
N SER E 115 -19.87 -0.86 4.12
CA SER E 115 -20.83 -0.86 3.02
C SER E 115 -20.39 -1.82 1.94
N ASN E 116 -19.96 -3.03 2.32
CA ASN E 116 -19.52 -4.00 1.33
C ASN E 116 -20.68 -4.59 0.55
N ASN E 117 -21.88 -4.62 1.11
CA ASN E 117 -23.02 -5.22 0.45
C ASN E 117 -23.55 -4.37 -0.70
N LEU E 118 -23.21 -3.08 -0.74
CA LEU E 118 -23.83 -2.17 -1.70
C LEU E 118 -22.85 -1.53 -2.67
N ASP E 119 -21.63 -1.24 -2.24
CA ASP E 119 -20.66 -0.50 -3.05
C ASP E 119 -19.60 -1.43 -3.61
N SER E 120 -19.96 -2.67 -3.91
CA SER E 120 -19.01 -3.63 -4.44
C SER E 120 -19.74 -4.59 -5.37
N LYS E 121 -19.18 -4.78 -6.55
CA LYS E 121 -19.75 -5.68 -7.54
C LYS E 121 -18.75 -6.79 -7.86
N VAL E 122 -19.26 -7.85 -8.48
CA VAL E 122 -18.47 -9.07 -8.66
C VAL E 122 -17.35 -8.90 -9.68
N GLY E 123 -17.49 -7.94 -10.60
CA GLY E 123 -16.44 -7.66 -11.54
C GLY E 123 -15.56 -6.51 -11.07
N GLY E 124 -16.11 -5.68 -10.19
CA GLY E 124 -15.39 -4.51 -9.68
C GLY E 124 -16.18 -3.25 -9.96
N ASN E 125 -16.40 -2.46 -8.91
CA ASN E 125 -17.12 -1.21 -9.02
C ASN E 125 -16.12 -0.08 -9.29
N TYR E 126 -16.07 0.38 -10.54
CA TYR E 126 -15.16 1.45 -10.93
C TYR E 126 -15.87 2.81 -10.99
N ASN E 127 -16.85 3.03 -10.11
CA ASN E 127 -17.56 4.29 -10.05
C ASN E 127 -17.00 5.24 -9.00
N TYR E 128 -16.20 4.74 -8.06
CA TYR E 128 -15.68 5.55 -6.96
C TYR E 128 -14.24 5.93 -7.27
N LEU E 129 -13.99 7.22 -7.41
CA LEU E 129 -12.69 7.75 -7.79
C LEU E 129 -12.08 8.50 -6.61
N TYR E 130 -10.77 8.72 -6.69
CA TYR E 130 -10.08 9.54 -5.70
C TYR E 130 -8.91 10.22 -6.38
N ARG E 131 -8.50 11.36 -5.81
CA ARG E 131 -7.47 12.20 -6.41
C ARG E 131 -6.11 11.67 -5.97
N LEU E 132 -5.18 11.58 -6.94
CA LEU E 132 -3.90 10.94 -6.67
C LEU E 132 -2.83 11.96 -6.29
N PHE E 133 -2.79 13.09 -6.98
CA PHE E 133 -1.84 14.14 -6.65
C PHE E 133 -2.49 15.50 -6.86
N ARG E 134 -1.87 16.53 -6.28
CA ARG E 134 -2.33 17.90 -6.45
C ARG E 134 -1.12 18.82 -6.45
N LYS E 135 -1.36 20.09 -6.80
CA LYS E 135 -0.28 21.07 -6.77
C LYS E 135 0.11 21.42 -5.35
N SER E 136 -0.88 21.73 -4.51
CA SER E 136 -0.64 22.02 -3.11
C SER E 136 -1.69 21.31 -2.27
N ASN E 137 -1.51 21.36 -0.95
CA ASN E 137 -2.46 20.73 -0.05
C ASN E 137 -3.78 21.47 -0.05
N LEU E 138 -4.85 20.75 0.27
CA LEU E 138 -6.16 21.38 0.34
C LEU E 138 -6.31 22.17 1.64
N LYS E 139 -6.61 23.47 1.50
CA LYS E 139 -7.09 24.19 2.67
C LYS E 139 -8.48 23.68 3.04
N PRO E 140 -8.85 23.70 4.32
CA PRO E 140 -10.00 22.90 4.79
C PRO E 140 -11.34 23.33 4.21
N PHE E 141 -12.20 22.34 3.98
CA PHE E 141 -13.52 22.47 3.36
C PHE E 141 -13.42 23.13 1.97
N GLU E 142 -12.73 22.45 1.06
CA GLU E 142 -12.56 22.91 -0.32
C GLU E 142 -12.55 21.69 -1.23
N ARG E 143 -13.43 21.69 -2.22
CA ARG E 143 -13.42 20.64 -3.23
C ARG E 143 -12.78 21.13 -4.51
N ASP E 144 -12.15 20.22 -5.25
CA ASP E 144 -11.47 20.56 -6.50
C ASP E 144 -11.77 19.47 -7.53
N ILE E 145 -12.78 19.73 -8.36
CA ILE E 145 -13.13 18.80 -9.46
C ILE E 145 -12.55 19.42 -10.73
N SER E 146 -11.32 19.03 -11.04
CA SER E 146 -10.62 19.50 -12.24
C SER E 146 -9.90 18.29 -12.82
N THR E 147 -10.44 17.76 -13.91
CA THR E 147 -9.86 16.60 -14.58
C THR E 147 -8.91 17.09 -15.66
N GLU E 148 -7.73 17.51 -15.24
CA GLU E 148 -6.68 17.95 -16.15
C GLU E 148 -5.44 17.08 -15.94
N ILE E 149 -4.70 16.88 -17.02
CA ILE E 149 -3.69 15.83 -17.08
C ILE E 149 -2.31 16.32 -16.64
N TYR E 150 -2.27 17.50 -16.01
CA TYR E 150 -1.19 18.02 -15.15
C TYR E 150 0.04 18.45 -15.96
N GLN E 151 0.17 18.08 -17.24
CA GLN E 151 1.21 18.52 -18.17
C GLN E 151 2.63 18.44 -17.62
N ALA E 152 3.12 17.23 -17.33
CA ALA E 152 4.53 17.10 -16.99
C ALA E 152 5.35 16.95 -18.27
N GLY E 153 6.47 17.64 -18.33
CA GLY E 153 7.23 17.70 -19.57
C GLY E 153 6.99 19.00 -20.31
N SER E 154 7.76 19.18 -21.38
CA SER E 154 7.77 20.46 -22.09
C SER E 154 6.96 20.47 -23.37
N THR E 155 6.45 19.34 -23.81
CA THR E 155 5.67 19.33 -25.04
C THR E 155 4.18 19.24 -24.71
N PRO E 156 3.36 20.11 -25.29
CA PRO E 156 1.90 19.95 -25.16
C PRO E 156 1.44 18.67 -25.82
N CYS E 157 0.86 17.79 -25.00
CA CYS E 157 0.63 16.41 -25.42
C CYS E 157 -0.77 16.23 -26.02
N ASN E 158 -1.64 17.22 -25.81
CA ASN E 158 -2.98 17.30 -26.41
C ASN E 158 -3.89 16.13 -25.99
N GLY E 159 -4.00 15.93 -24.68
CA GLY E 159 -5.00 15.01 -24.16
C GLY E 159 -4.70 13.54 -24.35
N VAL E 160 -3.50 13.10 -23.98
CA VAL E 160 -3.13 11.70 -24.04
C VAL E 160 -2.73 11.27 -22.62
N GLU E 161 -2.32 10.02 -22.50
CA GLU E 161 -1.90 9.47 -21.21
C GLU E 161 -0.68 8.56 -21.32
N GLY E 162 -0.01 8.52 -22.47
CA GLY E 162 1.08 7.56 -22.65
C GLY E 162 2.30 7.88 -21.82
N PHE E 163 3.01 8.95 -22.16
CA PHE E 163 4.14 9.41 -21.36
C PHE E 163 3.57 10.33 -20.29
N ASN E 164 4.40 11.21 -19.74
CA ASN E 164 3.93 12.28 -18.85
C ASN E 164 2.89 13.12 -19.61
N CYS E 165 2.10 13.91 -18.87
CA CYS E 165 0.64 14.01 -18.98
C CYS E 165 -0.05 12.76 -18.41
N TYR E 166 0.08 12.58 -17.10
CA TYR E 166 -0.62 11.54 -16.37
C TYR E 166 -2.00 12.02 -15.93
N PHE E 167 -2.96 11.09 -15.86
CA PHE E 167 -4.29 11.41 -15.36
C PHE E 167 -4.27 11.51 -13.83
N PRO E 168 -5.02 12.46 -13.25
CA PRO E 168 -4.92 12.67 -11.80
C PRO E 168 -5.85 11.83 -10.95
N LEU E 169 -6.83 11.17 -11.55
CA LEU E 169 -7.84 10.42 -10.80
C LEU E 169 -7.69 8.93 -11.10
N GLN E 170 -7.45 8.15 -10.06
CA GLN E 170 -7.45 6.70 -10.16
C GLN E 170 -8.74 6.16 -9.54
N SER E 171 -9.20 5.03 -10.07
CA SER E 171 -10.46 4.44 -9.62
C SER E 171 -10.20 3.45 -8.49
N TYR E 172 -11.13 3.41 -7.54
CA TYR E 172 -11.07 2.44 -6.47
C TYR E 172 -11.38 1.04 -7.00
N GLY E 173 -10.56 0.07 -6.61
CA GLY E 173 -10.83 -1.31 -6.96
C GLY E 173 -11.65 -1.99 -5.88
N PHE E 174 -12.95 -2.08 -6.07
CA PHE E 174 -13.87 -2.58 -5.05
C PHE E 174 -14.42 -3.93 -5.50
N GLN E 175 -13.94 -5.00 -4.87
CA GLN E 175 -14.49 -6.33 -5.00
C GLN E 175 -15.10 -6.77 -3.68
N PRO E 176 -15.99 -7.77 -3.67
CA PRO E 176 -16.49 -8.30 -2.39
C PRO E 176 -15.48 -9.16 -1.63
N THR E 177 -14.35 -9.50 -2.22
CA THR E 177 -13.27 -10.24 -1.56
C THR E 177 -12.04 -9.35 -1.58
N ASN E 178 -11.93 -8.45 -0.60
CA ASN E 178 -10.81 -7.54 -0.53
C ASN E 178 -10.12 -7.48 0.83
N GLY E 179 -10.84 -7.66 1.91
CA GLY E 179 -10.33 -7.36 3.23
C GLY E 179 -11.16 -6.31 3.93
N VAL E 180 -11.21 -6.41 5.25
CA VAL E 180 -12.10 -5.57 6.04
C VAL E 180 -11.60 -4.12 6.10
N GLY E 181 -10.35 -3.88 5.72
CA GLY E 181 -9.84 -2.54 5.57
C GLY E 181 -9.84 -2.02 4.16
N TYR E 182 -10.08 -2.87 3.16
CA TYR E 182 -10.23 -2.42 1.79
C TYR E 182 -11.65 -2.58 1.26
N GLN E 183 -12.62 -2.82 2.13
CA GLN E 183 -14.01 -2.78 1.74
C GLN E 183 -14.50 -1.33 1.81
N PRO E 184 -15.51 -0.96 1.01
CA PRO E 184 -15.95 0.45 0.99
C PRO E 184 -16.69 0.83 2.26
N TYR E 185 -16.21 1.87 2.91
CA TYR E 185 -16.79 2.39 4.15
C TYR E 185 -17.43 3.74 3.87
N ARG E 186 -18.76 3.78 3.86
CA ARG E 186 -19.49 5.02 3.64
C ARG E 186 -19.32 5.93 4.84
N VAL E 187 -18.79 7.13 4.61
CA VAL E 187 -18.48 8.08 5.68
C VAL E 187 -19.36 9.30 5.51
N VAL E 188 -19.99 9.73 6.60
CA VAL E 188 -20.71 10.99 6.65
C VAL E 188 -20.12 11.82 7.79
N VAL E 189 -19.84 13.08 7.54
CA VAL E 189 -19.18 13.97 8.49
C VAL E 189 -20.13 15.10 8.81
N LEU E 190 -20.67 15.10 10.02
CA LEU E 190 -21.52 16.18 10.49
C LEU E 190 -20.66 17.31 11.02
N SER E 191 -20.88 18.51 10.49
CA SER E 191 -20.10 19.68 10.91
C SER E 191 -21.05 20.76 11.38
N PHE E 192 -20.87 21.21 12.61
CA PHE E 192 -21.73 22.24 13.20
C PHE E 192 -21.11 23.61 13.05
N GLU E 193 -21.90 24.54 12.50
CA GLU E 193 -21.47 25.92 12.33
C GLU E 193 -22.44 26.83 13.06
N LEU E 194 -21.88 27.84 13.74
CA LEU E 194 -22.68 28.79 14.51
C LEU E 194 -22.29 30.18 14.03
N LEU E 195 -23.12 30.76 13.17
CA LEU E 195 -22.93 32.12 12.69
C LEU E 195 -23.57 33.09 13.66
N HIS E 196 -23.55 34.38 13.29
CA HIS E 196 -24.33 35.37 14.02
C HIS E 196 -25.71 35.47 13.39
N ALA E 197 -26.62 34.62 13.84
CA ALA E 197 -27.96 34.50 13.27
C ALA E 197 -28.84 33.82 14.30
N PRO E 198 -30.17 33.90 14.16
CA PRO E 198 -31.05 33.11 15.03
C PRO E 198 -30.84 31.62 14.86
N ALA E 199 -30.65 30.95 16.00
CA ALA E 199 -30.42 29.51 16.04
C ALA E 199 -31.73 28.77 15.80
N THR E 200 -31.74 27.86 14.83
CA THR E 200 -32.96 27.16 14.46
C THR E 200 -32.82 25.65 14.52
N VAL E 201 -31.60 25.13 14.39
CA VAL E 201 -31.36 23.69 14.49
C VAL E 201 -31.09 23.36 15.95
N CYS E 202 -32.13 22.96 16.68
CA CYS E 202 -31.95 22.73 18.12
C CYS E 202 -32.13 21.27 18.52
N GLY E 203 -33.28 20.69 18.23
CA GLY E 203 -33.52 19.31 18.62
C GLY E 203 -34.24 19.09 19.93
#